data_5C0Y
#
_entry.id   5C0Y
#
_cell.length_a   110.186
_cell.length_b   110.186
_cell.length_c   78.883
_cell.angle_alpha   90.000
_cell.angle_beta   90.000
_cell.angle_gamma   120.000
#
_symmetry.space_group_name_H-M   'P 31'
#
loop_
_entity.id
_entity.type
_entity.pdbx_description
1 polymer 'Exosome complex exonuclease RRP6'
2 polymer 'poly U RNA'
3 non-polymer 'MAGNESIUM ION'
4 water water
#
loop_
_entity_poly.entity_id
_entity_poly.type
_entity_poly.pdbx_seq_one_letter_code
_entity_poly.pdbx_strand_id
1 'polypeptide(L)'
;GPDSMNFSPTKRVEKPQLKFKSPIDNSESHPFIPLLKEKPNALKPLSESLRLVDDDENNPSHYPHPYEYEIDHQEYSPEI
LQIREEIPSKSWDDSVPIWVDTSTELESMLEDLKNTKEIAVDLEHHDYRSYYGIVCLMQISTRERDYLVDTLKLRENLHI
LNEVFTNPSIVKVFHGAFMNIIWLQRDLGLYVVGLFDTYHASKAIGLPRHSLAYLLENFANFKTSKKYQLADWRIRPLSK
PMTAYARADTHFLLNIYDQLRNKLIESNKLAGVLYESRNVAKRRFEYSKYRPLTPSSEVYSPIEKESPWKILMYQYNIPP
EREVLVRELYQWRDLIARRDDESPRFVMPNQLLAALVAYTPTDVIGVVSLTNGVTEHVRQNAKLLANLIRDALRNIKNTN
EE
;
A,B
2 'polyribonucleotide' UUUUUUUUUUUUUUU D,C
#
# COMPACT_ATOMS: atom_id res chain seq x y z
N LYS A 11 18.23 21.98 -28.24
CA LYS A 11 19.25 21.23 -28.97
C LYS A 11 18.79 19.79 -29.22
N ARG A 12 19.28 19.19 -30.30
CA ARG A 12 18.94 17.79 -30.63
C ARG A 12 19.81 16.79 -29.84
N VAL A 13 19.16 15.77 -29.27
CA VAL A 13 19.86 14.72 -28.53
C VAL A 13 19.60 13.40 -29.24
N GLU A 14 20.64 12.76 -29.74
CA GLU A 14 20.47 11.49 -30.44
C GLU A 14 20.07 10.45 -29.39
N LYS A 15 19.32 9.43 -29.80
CA LYS A 15 18.84 8.41 -28.87
C LYS A 15 19.93 7.42 -28.53
N PRO A 16 20.38 7.42 -27.26
CA PRO A 16 21.49 6.58 -26.81
C PRO A 16 21.21 5.11 -26.90
N GLN A 17 19.94 4.73 -26.97
CA GLN A 17 19.59 3.33 -27.10
C GLN A 17 20.17 2.78 -28.40
N LEU A 18 20.31 3.65 -29.40
CA LEU A 18 20.86 3.27 -30.71
C LEU A 18 22.26 2.67 -30.57
N LYS A 19 22.98 3.14 -29.56
CA LYS A 19 24.34 2.70 -29.34
C LYS A 19 24.45 1.58 -28.31
N PHE A 20 23.31 1.10 -27.82
CA PHE A 20 23.32 -0.06 -26.90
C PHE A 20 23.82 -1.29 -27.62
N LYS A 21 24.48 -2.17 -26.87
CA LYS A 21 25.01 -3.39 -27.43
C LYS A 21 23.88 -4.37 -27.70
N SER A 22 23.20 -4.77 -26.63
CA SER A 22 21.97 -5.53 -26.76
C SER A 22 20.87 -4.52 -27.06
N PRO A 23 20.15 -4.71 -28.17
CA PRO A 23 19.18 -3.67 -28.52
C PRO A 23 17.89 -3.84 -27.73
N ILE A 24 17.02 -2.83 -27.77
CA ILE A 24 15.84 -2.77 -26.91
C ILE A 24 14.67 -3.61 -27.42
N ASP A 25 14.09 -4.41 -26.53
CA ASP A 25 12.96 -5.27 -26.88
C ASP A 25 11.75 -4.96 -26.02
N ASN A 26 10.73 -4.36 -26.63
CA ASN A 26 9.49 -4.02 -25.93
C ASN A 26 8.37 -5.02 -26.15
N SER A 27 8.69 -6.17 -26.74
CA SER A 27 7.66 -7.13 -27.12
C SER A 27 6.95 -7.79 -25.94
N GLU A 28 7.70 -8.03 -24.86
CA GLU A 28 7.16 -8.68 -23.67
C GLU A 28 6.73 -10.11 -24.03
N SER A 29 7.51 -10.75 -24.89
CA SER A 29 7.29 -12.13 -25.33
C SER A 29 7.35 -13.13 -24.18
N HIS A 30 8.30 -12.90 -23.26
CA HIS A 30 8.61 -13.82 -22.16
C HIS A 30 8.79 -13.00 -20.89
N PRO A 31 8.68 -13.64 -19.71
CA PRO A 31 8.96 -12.88 -18.49
C PRO A 31 10.35 -12.32 -18.48
N PHE A 32 10.62 -11.35 -17.61
CA PHE A 32 11.93 -10.74 -17.56
C PHE A 32 12.98 -11.75 -17.15
N ILE A 33 14.05 -11.79 -17.93
CA ILE A 33 15.19 -12.63 -17.65
C ILE A 33 16.31 -11.78 -17.05
N PRO A 34 16.70 -12.07 -15.80
CA PRO A 34 17.83 -11.37 -15.21
C PRO A 34 19.05 -11.40 -16.12
N LEU A 35 19.74 -10.27 -16.25
CA LEU A 35 20.86 -10.14 -17.18
C LEU A 35 22.12 -10.66 -16.55
N LEU A 36 22.00 -11.05 -15.29
CA LEU A 36 23.13 -11.48 -14.47
C LEU A 36 23.76 -12.75 -15.04
N LYS A 37 25.07 -12.71 -15.26
CA LYS A 37 25.80 -13.87 -15.71
C LYS A 37 26.85 -14.33 -14.68
N GLU A 38 27.10 -13.54 -13.65
CA GLU A 38 27.99 -14.00 -12.57
C GLU A 38 27.44 -13.61 -11.20
N LYS A 39 27.62 -14.49 -10.23
CA LYS A 39 27.04 -14.25 -8.93
C LYS A 39 28.11 -14.28 -7.84
N PRO A 40 28.76 -13.14 -7.58
CA PRO A 40 29.71 -13.02 -6.49
C PRO A 40 28.99 -13.00 -5.17
N ASN A 41 29.69 -13.33 -4.09
CA ASN A 41 29.12 -13.33 -2.76
C ASN A 41 27.86 -14.20 -2.69
N ALA A 42 27.91 -15.37 -3.32
CA ALA A 42 26.80 -16.32 -3.36
C ALA A 42 26.79 -17.30 -2.19
N LEU A 43 25.60 -17.55 -1.65
CA LEU A 43 25.38 -18.65 -0.71
C LEU A 43 24.72 -19.81 -1.47
N LYS A 44 24.16 -19.47 -2.62
CA LYS A 44 23.45 -20.42 -3.47
C LYS A 44 23.97 -20.30 -4.89
N PRO A 45 24.15 -21.45 -5.57
CA PRO A 45 24.65 -21.42 -6.94
C PRO A 45 23.75 -20.58 -7.83
N LEU A 46 24.34 -19.87 -8.78
CA LEU A 46 23.57 -19.02 -9.68
C LEU A 46 22.59 -19.87 -10.48
N SER A 47 23.02 -21.08 -10.83
CA SER A 47 22.20 -21.99 -11.64
C SER A 47 20.89 -22.28 -10.91
N GLU A 48 21.00 -22.49 -9.60
CA GLU A 48 19.85 -22.79 -8.77
C GLU A 48 18.94 -21.57 -8.67
N SER A 49 19.54 -20.40 -8.84
CA SER A 49 18.81 -19.13 -8.80
C SER A 49 18.08 -18.84 -10.12
N LEU A 50 18.65 -19.31 -11.22
CA LEU A 50 18.17 -18.93 -12.55
C LEU A 50 17.05 -19.77 -13.12
N ARG A 51 16.62 -20.79 -12.38
CA ARG A 51 15.55 -21.65 -12.85
C ARG A 51 14.19 -20.95 -12.85
N LEU A 52 13.44 -21.11 -13.94
CA LEU A 52 12.14 -20.46 -14.11
C LEU A 52 11.12 -21.05 -13.13
N VAL A 53 10.05 -20.31 -12.87
CA VAL A 53 8.98 -20.69 -11.97
C VAL A 53 7.67 -20.86 -12.72
N ASP A 54 6.85 -21.82 -12.32
CA ASP A 54 5.57 -22.09 -12.94
C ASP A 54 4.49 -21.07 -12.53
N ASP A 55 3.41 -20.98 -13.30
CA ASP A 55 2.30 -20.07 -13.01
C ASP A 55 1.55 -20.48 -11.74
N ASP A 56 1.05 -19.50 -11.00
CA ASP A 56 0.41 -19.77 -9.71
C ASP A 56 -0.50 -18.62 -9.25
N PRO A 60 2.06 -15.18 -12.29
CA PRO A 60 2.35 -16.01 -13.46
C PRO A 60 3.78 -16.56 -13.43
N SER A 61 4.16 -17.29 -14.48
CA SER A 61 5.51 -17.84 -14.55
C SER A 61 6.48 -16.67 -14.65
N HIS A 62 7.66 -16.84 -14.06
CA HIS A 62 8.64 -15.78 -14.02
C HIS A 62 9.93 -16.31 -13.42
N TYR A 63 10.99 -15.53 -13.53
CA TYR A 63 12.22 -15.88 -12.86
C TYR A 63 12.27 -15.29 -11.46
N PRO A 64 12.94 -15.98 -10.54
CA PRO A 64 12.99 -15.42 -9.20
C PRO A 64 14.18 -14.48 -9.05
N HIS A 65 14.22 -13.77 -7.93
CA HIS A 65 15.31 -12.87 -7.63
C HIS A 65 16.58 -13.68 -7.37
N PRO A 66 17.60 -13.50 -8.22
CA PRO A 66 18.80 -14.32 -8.08
C PRO A 66 19.54 -14.17 -6.76
N TYR A 67 19.34 -13.07 -6.05
CA TYR A 67 20.01 -12.88 -4.76
C TYR A 67 19.03 -12.95 -3.61
N GLU A 68 17.88 -13.55 -3.84
CA GLU A 68 16.82 -13.57 -2.83
C GLU A 68 17.27 -14.23 -1.54
N TYR A 69 17.95 -15.36 -1.69
CA TYR A 69 18.41 -16.13 -0.54
C TYR A 69 19.47 -15.35 0.20
N GLU A 70 20.36 -14.73 -0.56
CA GLU A 70 21.43 -13.96 0.00
C GLU A 70 20.84 -12.82 0.84
N ILE A 71 19.85 -12.12 0.33
CA ILE A 71 19.26 -11.02 1.09
C ILE A 71 18.66 -11.53 2.40
N ASP A 72 18.01 -12.70 2.34
CA ASP A 72 17.29 -13.22 3.49
C ASP A 72 18.25 -13.76 4.56
N HIS A 73 19.33 -14.41 4.14
CA HIS A 73 20.13 -15.14 5.11
C HIS A 73 21.57 -14.65 5.31
N GLN A 74 22.02 -13.72 4.47
CA GLN A 74 23.35 -13.13 4.66
C GLN A 74 23.38 -12.14 5.84
N GLU A 75 24.47 -12.19 6.60
CA GLU A 75 24.62 -11.41 7.83
C GLU A 75 25.17 -10.01 7.57
N TYR A 76 24.59 -9.02 8.24
CA TYR A 76 25.01 -7.62 8.14
C TYR A 76 26.37 -7.40 8.80
N SER A 77 27.12 -6.43 8.30
CA SER A 77 28.41 -6.06 8.88
C SER A 77 28.24 -5.57 10.32
N PRO A 78 29.16 -5.96 11.22
CA PRO A 78 29.07 -5.65 12.65
C PRO A 78 29.12 -4.15 12.96
N GLU A 79 29.68 -3.38 12.04
CA GLU A 79 29.80 -1.94 12.18
C GLU A 79 28.44 -1.25 12.17
N ILE A 80 27.53 -1.72 11.33
CA ILE A 80 26.19 -1.14 11.20
C ILE A 80 25.47 -1.23 12.56
N LEU A 81 25.78 -2.29 13.32
CA LEU A 81 25.21 -2.56 14.64
C LEU A 81 25.64 -1.68 15.82
N GLN A 82 26.80 -1.03 15.71
CA GLN A 82 27.27 -0.22 16.82
C GLN A 82 26.97 1.26 16.67
N ILE A 83 26.71 1.92 17.78
CA ILE A 83 26.65 3.37 17.79
C ILE A 83 28.05 3.80 17.44
N ARG A 84 28.19 4.73 16.52
CA ARG A 84 29.51 5.19 16.14
C ARG A 84 29.43 6.66 15.82
N GLU A 85 30.47 7.42 16.16
CA GLU A 85 30.39 8.87 16.06
C GLU A 85 30.33 9.23 14.59
N GLU A 86 29.71 10.36 14.31
CA GLU A 86 29.37 10.70 12.94
C GLU A 86 30.56 11.28 12.19
N ILE A 87 30.79 10.75 10.99
CA ILE A 87 31.85 11.23 10.10
C ILE A 87 31.31 12.23 9.09
N PRO A 88 31.66 13.51 9.27
CA PRO A 88 31.07 14.53 8.39
C PRO A 88 31.38 14.31 6.92
N SER A 89 30.54 14.87 6.05
CA SER A 89 30.79 14.79 4.62
C SER A 89 32.03 15.61 4.36
N LYS A 90 32.79 15.22 3.35
CA LYS A 90 33.98 15.97 2.97
C LYS A 90 33.57 17.35 2.47
N SER A 91 34.47 18.31 2.61
CA SER A 91 34.16 19.64 2.18
C SER A 91 33.94 19.54 0.71
N TRP A 92 32.85 20.14 0.25
CA TRP A 92 32.46 20.05 -1.13
C TRP A 92 33.62 20.43 -2.06
N ASP A 93 34.39 21.42 -1.64
CA ASP A 93 35.45 21.95 -2.49
C ASP A 93 36.80 21.25 -2.39
N ASP A 94 36.96 20.32 -1.47
CA ASP A 94 38.21 19.56 -1.39
C ASP A 94 38.40 18.55 -2.52
N SER A 95 37.35 18.34 -3.29
CA SER A 95 37.43 17.38 -4.37
C SER A 95 36.46 17.68 -5.48
N VAL A 96 36.76 17.07 -6.60
CA VAL A 96 35.96 17.14 -7.81
C VAL A 96 35.22 15.82 -7.90
N PRO A 97 34.00 15.82 -8.48
CA PRO A 97 33.34 14.53 -8.70
C PRO A 97 34.05 13.78 -9.78
N ILE A 98 34.19 12.48 -9.63
CA ILE A 98 34.96 11.65 -10.56
C ILE A 98 34.01 11.17 -11.66
N TRP A 99 34.29 11.60 -12.89
CA TRP A 99 33.49 11.19 -14.02
C TRP A 99 33.91 9.82 -14.54
N VAL A 100 32.98 8.88 -14.59
CA VAL A 100 33.30 7.51 -14.98
C VAL A 100 32.57 7.13 -16.27
N ASP A 101 33.31 7.03 -17.37
CA ASP A 101 32.70 6.64 -18.65
C ASP A 101 33.54 5.70 -19.49
N THR A 102 34.70 5.28 -18.99
CA THR A 102 35.45 4.26 -19.70
C THR A 102 35.48 3.00 -18.89
N SER A 103 35.84 1.92 -19.57
CA SER A 103 35.96 0.61 -18.95
C SER A 103 36.99 0.68 -17.85
N THR A 104 38.07 1.42 -18.12
CA THR A 104 39.20 1.55 -17.22
C THR A 104 38.88 2.32 -15.93
N GLU A 105 38.23 3.46 -16.08
CA GLU A 105 37.87 4.30 -14.96
C GLU A 105 36.91 3.56 -14.05
N LEU A 106 36.02 2.81 -14.67
CA LEU A 106 35.05 2.01 -13.95
C LEU A 106 35.71 0.92 -13.12
N GLU A 107 36.71 0.29 -13.72
CA GLU A 107 37.48 -0.75 -13.05
C GLU A 107 38.30 -0.18 -11.91
N SER A 108 38.86 1.02 -12.09
CA SER A 108 39.59 1.64 -11.02
C SER A 108 38.61 1.93 -9.88
N MET A 109 37.43 2.45 -10.24
CA MET A 109 36.42 2.76 -9.23
C MET A 109 36.03 1.51 -8.46
N LEU A 110 35.92 0.40 -9.15
CA LEU A 110 35.53 -0.87 -8.51
C LEU A 110 36.54 -1.21 -7.42
N GLU A 111 37.82 -0.99 -7.72
CA GLU A 111 38.88 -1.24 -6.76
C GLU A 111 38.75 -0.34 -5.52
N ASP A 112 38.33 0.89 -5.72
CA ASP A 112 38.13 1.82 -4.60
C ASP A 112 36.97 1.36 -3.71
N LEU A 113 35.88 0.98 -4.35
CA LEU A 113 34.69 0.58 -3.65
C LEU A 113 34.94 -0.67 -2.84
N LYS A 114 35.86 -1.51 -3.33
CA LYS A 114 36.23 -2.74 -2.64
C LYS A 114 36.82 -2.45 -1.26
N ASN A 115 37.37 -1.26 -1.10
CA ASN A 115 38.07 -0.89 0.14
C ASN A 115 37.21 -0.12 1.16
N THR A 116 35.92 0.01 0.90
CA THR A 116 35.01 0.68 1.82
C THR A 116 34.30 -0.26 2.79
N LYS A 117 33.65 0.31 3.80
CA LYS A 117 32.76 -0.45 4.67
C LYS A 117 31.32 -0.01 4.41
N GLU A 118 31.18 1.12 3.72
CA GLU A 118 29.87 1.66 3.39
C GLU A 118 30.01 2.62 2.21
N ILE A 119 29.00 2.62 1.31
CA ILE A 119 28.95 3.53 0.18
C ILE A 119 27.52 4.06 -0.03
N ALA A 120 27.43 5.25 -0.62
CA ALA A 120 26.13 5.87 -0.92
C ALA A 120 25.87 5.79 -2.42
N VAL A 121 24.65 5.43 -2.81
CA VAL A 121 24.32 5.18 -4.21
C VAL A 121 23.04 5.92 -4.59
N ASP A 122 22.99 6.46 -5.81
CA ASP A 122 21.73 6.98 -6.32
C ASP A 122 21.76 6.84 -7.83
N LEU A 123 20.61 7.07 -8.48
CA LEU A 123 20.48 7.02 -9.94
C LEU A 123 19.64 8.15 -10.48
N GLU A 124 19.84 8.43 -11.77
CA GLU A 124 18.89 9.26 -12.51
C GLU A 124 18.29 8.43 -13.65
N HIS A 125 16.98 8.54 -13.83
CA HIS A 125 16.20 7.72 -14.77
C HIS A 125 15.43 8.64 -15.72
N HIS A 126 15.37 8.29 -17.00
CA HIS A 126 14.64 9.07 -17.99
C HIS A 126 13.56 8.24 -18.68
N ASP A 127 12.32 8.76 -18.70
CA ASP A 127 11.23 7.99 -19.30
C ASP A 127 10.43 8.70 -20.42
N TYR A 128 10.90 9.84 -20.92
CA TYR A 128 10.19 10.53 -22.00
C TYR A 128 10.51 9.91 -23.36
N ARG A 129 11.78 9.66 -23.65
CA ARG A 129 12.18 9.12 -24.94
C ARG A 129 12.63 7.67 -24.88
N SER A 130 11.87 6.87 -24.15
CA SER A 130 12.14 5.45 -23.98
C SER A 130 10.84 4.82 -23.46
N TYR A 131 10.49 3.60 -23.90
CA TYR A 131 9.22 3.03 -23.48
C TYR A 131 9.23 2.66 -21.98
N TYR A 132 10.07 1.73 -21.56
CA TYR A 132 10.18 1.40 -20.13
C TYR A 132 10.99 2.43 -19.36
N GLY A 133 11.97 3.03 -20.04
CA GLY A 133 12.89 3.97 -19.42
C GLY A 133 14.33 3.52 -19.50
N ILE A 134 15.26 4.44 -19.32
CA ILE A 134 16.68 4.10 -19.31
C ILE A 134 17.36 4.79 -18.13
N VAL A 135 18.33 4.12 -17.53
CA VAL A 135 19.12 4.69 -16.44
C VAL A 135 20.23 5.55 -17.04
N CYS A 136 20.20 6.86 -16.80
CA CYS A 136 21.13 7.80 -17.41
C CYS A 136 22.39 8.08 -16.62
N LEU A 137 22.28 8.03 -15.30
CA LEU A 137 23.41 8.31 -14.44
C LEU A 137 23.35 7.44 -13.19
N MET A 138 24.51 7.10 -12.65
CA MET A 138 24.59 6.50 -11.33
C MET A 138 25.57 7.30 -10.48
N GLN A 139 25.14 7.62 -9.26
CA GLN A 139 25.99 8.34 -8.32
C GLN A 139 26.44 7.42 -7.19
N ILE A 140 27.75 7.36 -6.94
CA ILE A 140 28.23 6.60 -5.81
C ILE A 140 29.19 7.45 -4.99
N SER A 141 28.98 7.51 -3.67
CA SER A 141 29.90 8.22 -2.78
C SER A 141 30.50 7.25 -1.76
N THR A 142 31.81 7.34 -1.56
CA THR A 142 32.45 6.73 -0.40
C THR A 142 32.66 7.83 0.64
N ARG A 143 33.28 7.51 1.76
CA ARG A 143 33.57 8.55 2.74
C ARG A 143 34.49 9.61 2.13
N GLU A 144 35.34 9.18 1.20
CA GLU A 144 36.36 10.04 0.59
C GLU A 144 35.94 10.79 -0.68
N ARG A 145 35.30 10.11 -1.62
CA ARG A 145 35.05 10.69 -2.95
C ARG A 145 33.64 10.44 -3.48
N ASP A 146 33.23 11.27 -4.45
CA ASP A 146 31.97 11.11 -5.17
C ASP A 146 32.24 10.69 -6.61
N TYR A 147 31.50 9.70 -7.09
CA TYR A 147 31.68 9.21 -8.46
C TYR A 147 30.41 9.46 -9.24
N LEU A 148 30.54 9.84 -10.50
CA LEU A 148 29.39 10.00 -11.39
C LEU A 148 29.56 9.08 -12.59
N VAL A 149 28.68 8.10 -12.71
CA VAL A 149 28.87 7.01 -13.67
C VAL A 149 27.93 7.11 -14.88
N ASP A 150 28.51 7.18 -16.08
CA ASP A 150 27.76 7.17 -17.32
C ASP A 150 27.20 5.79 -17.59
N THR A 151 25.95 5.59 -17.20
CA THR A 151 25.24 4.32 -17.34
C THR A 151 24.75 4.13 -18.76
N LEU A 152 24.77 5.19 -19.56
CA LEU A 152 24.46 5.03 -20.96
C LEU A 152 25.63 4.32 -21.64
N LYS A 153 26.82 4.89 -21.51
CA LYS A 153 27.97 4.33 -22.21
C LYS A 153 28.45 3.06 -21.54
N LEU A 154 28.16 2.88 -20.26
CA LEU A 154 28.68 1.69 -19.57
C LEU A 154 27.61 0.66 -19.22
N ARG A 155 26.47 0.73 -19.88
CA ARG A 155 25.37 -0.20 -19.66
C ARG A 155 25.79 -1.66 -19.54
N GLU A 156 26.69 -2.08 -20.43
CA GLU A 156 27.04 -3.49 -20.55
C GLU A 156 28.24 -3.84 -19.68
N ASN A 157 28.78 -2.85 -18.98
CA ASN A 157 29.96 -3.07 -18.14
C ASN A 157 29.62 -3.07 -16.65
N LEU A 158 28.52 -2.42 -16.29
CA LEU A 158 28.27 -2.10 -14.88
C LEU A 158 28.00 -3.29 -13.96
N HIS A 159 27.77 -4.46 -14.54
CA HIS A 159 27.53 -5.65 -13.71
C HIS A 159 28.66 -5.98 -12.73
N ILE A 160 29.89 -5.59 -13.04
CA ILE A 160 31.02 -5.96 -12.19
C ILE A 160 30.90 -5.37 -10.80
N LEU A 161 30.04 -4.38 -10.66
CA LEU A 161 29.80 -3.76 -9.36
C LEU A 161 29.06 -4.67 -8.41
N ASN A 162 28.55 -5.77 -8.93
CA ASN A 162 27.87 -6.74 -8.09
C ASN A 162 28.82 -7.30 -7.04
N GLU A 163 30.10 -7.23 -7.33
CA GLU A 163 31.15 -7.63 -6.40
C GLU A 163 30.99 -6.88 -5.09
N VAL A 164 30.76 -5.59 -5.20
CA VAL A 164 30.61 -4.68 -4.08
C VAL A 164 29.14 -4.52 -3.64
N PHE A 165 28.23 -4.43 -4.59
CA PHE A 165 26.80 -4.22 -4.28
C PHE A 165 26.11 -5.44 -3.63
N THR A 166 26.66 -6.63 -3.84
CA THR A 166 26.09 -7.82 -3.23
C THR A 166 27.00 -8.36 -2.11
N ASN A 167 28.02 -7.57 -1.78
CA ASN A 167 28.92 -7.87 -0.67
C ASN A 167 28.23 -7.38 0.58
N PRO A 168 27.83 -8.30 1.45
CA PRO A 168 26.98 -7.90 2.57
C PRO A 168 27.70 -7.12 3.67
N SER A 169 29.03 -7.15 3.64
CA SER A 169 29.83 -6.50 4.67
C SER A 169 30.09 -5.03 4.34
N ILE A 170 29.51 -4.57 3.24
CA ILE A 170 29.64 -3.19 2.79
C ILE A 170 28.24 -2.64 2.67
N VAL A 171 27.90 -1.68 3.52
CA VAL A 171 26.58 -1.12 3.49
C VAL A 171 26.40 -0.29 2.24
N LYS A 172 25.25 -0.43 1.60
CA LYS A 172 24.86 0.43 0.49
C LYS A 172 23.73 1.32 0.98
N VAL A 173 24.00 2.62 0.99
CA VAL A 173 23.07 3.61 1.48
C VAL A 173 22.35 4.25 0.30
N PHE A 174 21.02 4.14 0.31
CA PHE A 174 20.13 4.72 -0.68
C PHE A 174 19.12 5.53 0.07
N HIS A 175 18.63 6.62 -0.51
CA HIS A 175 17.43 7.23 0.03
C HIS A 175 16.27 6.90 -0.90
N GLY A 176 15.29 6.15 -0.40
CA GLY A 176 14.15 5.71 -1.19
C GLY A 176 14.51 4.85 -2.39
N ALA A 177 15.00 3.64 -2.13
CA ALA A 177 15.56 2.76 -3.16
C ALA A 177 14.49 1.99 -3.94
N PHE A 178 13.22 2.25 -3.60
CA PHE A 178 12.06 1.46 -4.00
C PHE A 178 12.00 1.22 -5.50
N MET A 179 12.14 2.28 -6.30
CA MET A 179 12.27 2.14 -7.75
C MET A 179 13.68 1.85 -8.26
N ASN A 180 14.70 2.48 -7.68
CA ASN A 180 16.08 2.32 -8.16
C ASN A 180 16.53 0.86 -8.16
N ILE A 181 16.04 0.08 -7.19
CA ILE A 181 16.33 -1.37 -7.11
C ILE A 181 15.89 -2.12 -8.37
N ILE A 182 14.67 -1.84 -8.81
CA ILE A 182 14.07 -2.35 -10.04
C ILE A 182 14.88 -1.99 -11.28
N TRP A 183 15.22 -0.72 -11.38
CA TRP A 183 15.98 -0.18 -12.50
C TRP A 183 17.42 -0.70 -12.60
N LEU A 184 18.07 -0.89 -11.47
CA LEU A 184 19.40 -1.50 -11.47
C LEU A 184 19.34 -2.87 -12.10
N GLN A 185 18.36 -3.67 -11.69
CA GLN A 185 18.11 -4.97 -12.27
C GLN A 185 17.88 -4.92 -13.77
N ARG A 186 16.87 -4.17 -14.16
CA ARG A 186 16.38 -4.13 -15.53
C ARG A 186 17.49 -3.78 -16.53
N ASP A 187 18.25 -2.72 -16.25
CA ASP A 187 19.25 -2.18 -17.18
C ASP A 187 20.69 -2.65 -17.01
N LEU A 188 21.14 -2.83 -15.78
CA LEU A 188 22.56 -3.05 -15.55
C LEU A 188 22.83 -4.41 -14.96
N GLY A 189 21.75 -5.10 -14.60
CA GLY A 189 21.85 -6.41 -14.00
C GLY A 189 22.48 -6.38 -12.63
N LEU A 190 22.20 -5.31 -11.88
CA LEU A 190 22.80 -5.08 -10.57
C LEU A 190 21.80 -5.28 -9.43
N TYR A 191 22.28 -5.92 -8.35
CA TYR A 191 21.49 -6.26 -7.18
C TYR A 191 22.13 -5.68 -5.95
N VAL A 192 21.38 -5.60 -4.86
CA VAL A 192 21.90 -5.02 -3.63
C VAL A 192 21.66 -5.95 -2.45
N VAL A 193 22.74 -6.35 -1.78
CA VAL A 193 22.70 -7.08 -0.52
C VAL A 193 23.51 -6.26 0.45
N GLY A 194 22.86 -5.80 1.51
CA GLY A 194 23.47 -4.89 2.46
C GLY A 194 22.86 -3.50 2.35
N LEU A 195 21.59 -3.42 2.01
CA LEU A 195 20.92 -2.14 1.84
C LEU A 195 20.52 -1.48 3.15
N PHE A 196 20.79 -0.18 3.25
CA PHE A 196 20.17 0.67 4.27
C PHE A 196 19.46 1.86 3.58
N ASP A 197 18.13 1.92 3.67
CA ASP A 197 17.32 2.96 3.03
C ASP A 197 17.00 4.04 4.05
N THR A 198 17.56 5.24 3.86
CA THR A 198 17.34 6.32 4.83
C THR A 198 15.90 6.82 4.85
N TYR A 199 15.14 6.55 3.79
CA TYR A 199 13.72 6.85 3.80
C TYR A 199 12.99 6.08 4.91
N HIS A 200 13.29 4.79 5.02
CA HIS A 200 12.69 3.98 6.04
C HIS A 200 13.23 4.39 7.38
N ALA A 201 14.52 4.75 7.40
CA ALA A 201 15.15 5.24 8.63
C ALA A 201 14.46 6.50 9.13
N SER A 202 14.20 7.43 8.23
CA SER A 202 13.51 8.65 8.60
C SER A 202 12.12 8.34 9.14
N LYS A 203 11.43 7.42 8.49
CA LYS A 203 10.10 7.04 8.93
C LYS A 203 10.11 6.42 10.33
N ALA A 204 11.03 5.49 10.56
CA ALA A 204 11.08 4.82 11.86
C ALA A 204 11.40 5.84 12.94
N ILE A 205 12.25 6.79 12.62
CA ILE A 205 12.58 7.87 13.54
C ILE A 205 11.37 8.77 13.80
N GLY A 206 10.57 9.00 12.78
CA GLY A 206 9.42 9.86 12.94
C GLY A 206 9.67 11.33 12.61
N LEU A 207 10.62 11.60 11.72
CA LEU A 207 10.85 12.97 11.22
C LEU A 207 9.60 13.55 10.55
N PRO A 208 9.43 14.90 10.64
CA PRO A 208 8.24 15.53 10.02
C PRO A 208 8.21 15.32 8.51
N ARG A 209 9.37 15.28 7.85
CA ARG A 209 9.39 14.91 6.44
C ARG A 209 10.42 13.82 6.14
N HIS A 210 10.22 13.13 5.02
CA HIS A 210 10.98 11.93 4.68
C HIS A 210 11.63 12.02 3.34
N SER A 211 11.69 13.23 2.78
CA SER A 211 12.28 13.44 1.48
C SER A 211 13.78 13.62 1.62
N LEU A 212 14.49 13.38 0.53
CA LEU A 212 15.91 13.66 0.46
C LEU A 212 16.11 15.15 0.68
N ALA A 213 15.29 15.96 0.04
CA ALA A 213 15.37 17.41 0.16
C ALA A 213 15.31 17.85 1.62
N TYR A 214 14.45 17.19 2.39
CA TYR A 214 14.29 17.56 3.79
C TYR A 214 15.52 17.22 4.59
N LEU A 215 16.06 16.04 4.35
CA LEU A 215 17.26 15.60 5.03
C LEU A 215 18.45 16.48 4.65
N LEU A 216 18.60 16.79 3.37
CA LEU A 216 19.77 17.54 2.93
C LEU A 216 19.74 18.93 3.53
N GLU A 217 18.59 19.57 3.51
CA GLU A 217 18.45 20.89 4.11
C GLU A 217 18.78 20.86 5.60
N ASN A 218 18.30 19.83 6.28
CA ASN A 218 18.39 19.83 7.72
C ASN A 218 19.65 19.23 8.35
N PHE A 219 20.25 18.21 7.74
CA PHE A 219 21.50 17.64 8.34
C PHE A 219 22.72 18.14 7.58
N ALA A 220 22.53 18.59 6.36
CA ALA A 220 23.64 18.99 5.51
C ALA A 220 23.61 20.46 5.11
N ASN A 221 22.54 21.17 5.47
CA ASN A 221 22.29 22.51 4.98
C ASN A 221 22.59 22.67 3.51
N PHE A 222 21.88 21.92 2.69
CA PHE A 222 22.07 22.03 1.26
C PHE A 222 20.69 22.26 0.70
N LYS A 223 20.55 23.32 -0.08
CA LYS A 223 19.24 23.66 -0.60
C LYS A 223 19.15 23.13 -2.01
N THR A 224 18.15 22.30 -2.23
CA THR A 224 17.95 21.71 -3.53
C THR A 224 17.09 22.68 -4.32
N SER A 225 17.38 22.81 -5.61
CA SER A 225 16.51 23.53 -6.52
C SER A 225 15.51 22.52 -7.04
N LYS A 226 14.24 22.90 -7.04
CA LYS A 226 13.22 22.02 -7.59
C LYS A 226 13.31 21.97 -9.12
N LYS A 227 12.94 20.81 -9.67
CA LYS A 227 12.81 20.55 -11.12
C LYS A 227 14.04 20.04 -11.92
N TYR A 228 15.20 19.82 -11.31
CA TYR A 228 16.31 19.23 -12.09
C TYR A 228 16.28 17.72 -12.36
N GLN A 229 15.54 16.94 -11.59
CA GLN A 229 15.40 15.52 -11.93
C GLN A 229 14.37 15.39 -13.04
N LEU A 230 13.77 16.52 -13.41
CA LEU A 230 12.87 16.64 -14.54
C LEU A 230 13.63 16.96 -15.82
N ALA A 231 14.93 17.23 -15.65
CA ALA A 231 15.80 17.60 -16.76
C ALA A 231 16.15 16.37 -17.59
N ASP A 232 16.75 16.58 -18.77
CA ASP A 232 17.11 15.46 -19.63
C ASP A 232 18.55 15.05 -19.37
N TRP A 233 18.67 13.96 -18.63
CA TRP A 233 19.94 13.43 -18.15
C TRP A 233 20.69 12.57 -19.18
N ARG A 234 20.15 12.43 -20.38
CA ARG A 234 20.90 11.73 -21.43
C ARG A 234 21.97 12.61 -22.03
N ILE A 235 21.77 13.91 -21.90
CA ILE A 235 22.63 14.85 -22.60
C ILE A 235 24.05 14.72 -22.08
N ARG A 236 24.98 14.82 -23.00
CA ARG A 236 26.37 14.82 -22.64
C ARG A 236 26.96 15.98 -23.42
N PRO A 237 27.80 16.78 -22.77
CA PRO A 237 28.19 16.56 -21.38
C PRO A 237 27.14 17.07 -20.41
N LEU A 238 27.33 16.81 -19.12
CA LEU A 238 26.36 17.22 -18.13
C LEU A 238 26.59 18.69 -17.87
N SER A 239 25.53 19.46 -17.67
CA SER A 239 25.70 20.86 -17.28
C SER A 239 26.22 20.94 -15.84
N LYS A 240 26.93 22.03 -15.55
CA LYS A 240 27.56 22.17 -14.24
C LYS A 240 26.56 22.12 -13.11
N PRO A 241 25.38 22.75 -13.29
CA PRO A 241 24.39 22.58 -12.21
C PRO A 241 23.90 21.15 -12.07
N MET A 242 23.77 20.44 -13.18
CA MET A 242 23.30 19.06 -13.12
C MET A 242 24.36 18.15 -12.53
N THR A 243 25.62 18.41 -12.85
CA THR A 243 26.70 17.68 -12.23
C THR A 243 26.65 17.83 -10.71
N ALA A 244 26.46 19.06 -10.24
CA ALA A 244 26.48 19.33 -8.81
C ALA A 244 25.28 18.74 -8.10
N TYR A 245 24.10 18.85 -8.71
CA TYR A 245 22.91 18.31 -8.08
C TYR A 245 22.97 16.79 -8.07
N ALA A 246 23.58 16.18 -9.08
CA ALA A 246 23.76 14.71 -9.05
C ALA A 246 24.75 14.28 -7.96
N ARG A 247 25.90 14.94 -7.91
CA ARG A 247 26.87 14.73 -6.85
C ARG A 247 26.24 14.93 -5.47
N ALA A 248 25.37 15.93 -5.35
CA ALA A 248 24.75 16.27 -4.08
C ALA A 248 23.90 15.16 -3.51
N ASP A 249 23.39 14.31 -4.39
CA ASP A 249 22.46 13.26 -3.96
C ASP A 249 23.15 12.26 -3.08
N THR A 250 24.43 12.03 -3.32
CA THR A 250 25.17 11.04 -2.55
C THR A 250 26.30 11.63 -1.70
N HIS A 251 26.76 12.85 -2.04
CA HIS A 251 27.88 13.50 -1.36
C HIS A 251 27.66 13.55 0.13
N PHE A 252 26.41 13.75 0.53
CA PHE A 252 26.05 13.96 1.93
C PHE A 252 25.51 12.77 2.67
N LEU A 253 25.16 11.71 1.94
CA LEU A 253 24.27 10.69 2.47
C LEU A 253 24.87 9.78 3.55
N LEU A 254 26.16 9.49 3.48
CA LEU A 254 26.74 8.57 4.45
C LEU A 254 26.71 9.14 5.87
N ASN A 255 26.91 10.45 6.02
CA ASN A 255 26.82 11.09 7.33
C ASN A 255 25.41 10.99 7.88
N ILE A 256 24.45 11.23 6.99
CA ILE A 256 23.05 11.15 7.32
C ILE A 256 22.76 9.75 7.83
N TYR A 257 23.26 8.74 7.14
CA TYR A 257 23.20 7.35 7.60
C TYR A 257 23.80 7.19 9.01
N ASP A 258 24.96 7.79 9.28
CA ASP A 258 25.55 7.70 10.61
C ASP A 258 24.57 8.20 11.67
N GLN A 259 24.00 9.37 11.41
CA GLN A 259 23.14 9.98 12.38
C GLN A 259 21.85 9.22 12.58
N LEU A 260 21.24 8.79 11.48
CA LEU A 260 20.00 8.01 11.54
C LEU A 260 20.22 6.64 12.16
N ARG A 261 21.31 5.97 11.77
CA ARG A 261 21.64 4.67 12.32
C ARG A 261 21.77 4.77 13.85
N ASN A 262 22.57 5.73 14.32
CA ASN A 262 22.81 5.85 15.75
C ASN A 262 21.51 6.04 16.53
N LYS A 263 20.63 6.89 16.03
CA LYS A 263 19.39 7.13 16.73
C LYS A 263 18.50 5.89 16.69
N LEU A 264 18.53 5.19 15.57
CA LEU A 264 17.80 3.94 15.45
C LEU A 264 18.30 2.97 16.51
N ILE A 265 19.62 2.91 16.69
CA ILE A 265 20.19 2.01 17.68
C ILE A 265 19.69 2.40 19.04
N GLU A 266 19.72 3.69 19.32
CA GLU A 266 19.24 4.26 20.57
C GLU A 266 17.73 4.03 20.82
N SER A 267 16.93 4.18 19.77
CA SER A 267 15.47 4.17 19.87
C SER A 267 14.83 2.80 19.83
N ASN A 268 15.65 1.76 19.77
CA ASN A 268 15.21 0.37 19.60
C ASN A 268 14.45 0.13 18.29
N LYS A 269 14.84 0.82 17.21
CA LYS A 269 14.14 0.66 15.95
C LYS A 269 14.99 0.27 14.75
N LEU A 270 16.27 -0.02 14.99
CA LEU A 270 17.20 -0.29 13.89
C LEU A 270 16.85 -1.60 13.20
N ALA A 271 16.45 -2.61 13.97
CA ALA A 271 16.12 -3.91 13.38
C ALA A 271 14.97 -3.81 12.38
N GLY A 272 13.98 -3.00 12.72
CA GLY A 272 12.86 -2.74 11.83
C GLY A 272 13.24 -2.12 10.49
N VAL A 273 14.18 -1.17 10.51
CA VAL A 273 14.61 -0.50 9.28
C VAL A 273 15.40 -1.44 8.36
N LEU A 274 16.17 -2.35 8.93
CA LEU A 274 16.90 -3.29 8.10
C LEU A 274 15.97 -4.28 7.40
N TYR A 275 14.90 -4.65 8.10
CA TYR A 275 13.86 -5.50 7.54
C TYR A 275 13.20 -4.83 6.33
N GLU A 276 12.75 -3.59 6.54
CA GLU A 276 12.17 -2.81 5.46
C GLU A 276 13.16 -2.69 4.32
N SER A 277 14.42 -2.48 4.66
CA SER A 277 15.42 -2.30 3.62
C SER A 277 15.61 -3.60 2.85
N ARG A 278 15.55 -4.73 3.55
CA ARG A 278 15.61 -6.03 2.87
C ARG A 278 14.40 -6.25 1.98
N ASN A 279 13.22 -5.82 2.40
CA ASN A 279 12.04 -5.89 1.54
C ASN A 279 12.19 -4.99 0.30
N VAL A 280 12.79 -3.83 0.46
CA VAL A 280 13.03 -2.99 -0.70
C VAL A 280 14.00 -3.69 -1.65
N ALA A 281 15.09 -4.24 -1.10
CA ALA A 281 16.13 -4.85 -1.93
C ALA A 281 15.63 -6.06 -2.71
N LYS A 282 14.67 -6.78 -2.14
CA LYS A 282 14.19 -8.03 -2.74
C LYS A 282 13.25 -7.76 -3.91
N ARG A 283 12.76 -6.53 -4.04
CA ARG A 283 11.87 -6.13 -5.13
C ARG A 283 12.40 -6.61 -6.48
N ARG A 284 11.53 -7.19 -7.30
CA ARG A 284 11.91 -7.81 -8.57
C ARG A 284 11.33 -7.08 -9.77
N PHE A 285 12.12 -6.97 -10.82
CA PHE A 285 11.63 -6.36 -12.04
C PHE A 285 11.01 -7.43 -12.94
N GLU A 286 9.75 -7.18 -13.29
CA GLU A 286 9.05 -8.07 -14.18
C GLU A 286 8.23 -7.21 -15.15
N TYR A 287 7.93 -7.75 -16.31
CA TYR A 287 7.06 -7.08 -17.27
C TYR A 287 5.63 -7.04 -16.77
N SER A 288 4.87 -6.05 -17.22
CA SER A 288 3.52 -5.85 -16.73
C SER A 288 2.55 -6.98 -17.11
N LYS A 289 2.77 -7.59 -18.27
CA LYS A 289 1.94 -8.70 -18.71
C LYS A 289 2.06 -9.87 -17.72
N TYR A 290 3.25 -10.01 -17.15
CA TYR A 290 3.58 -11.11 -16.28
C TYR A 290 3.45 -10.72 -14.81
N ARG A 291 2.71 -9.65 -14.55
CA ARG A 291 2.59 -9.11 -13.20
C ARG A 291 1.86 -10.07 -12.27
N PRO A 292 2.06 -9.93 -10.95
CA PRO A 292 1.42 -10.82 -9.99
C PRO A 292 -0.09 -10.61 -9.86
N LEU A 293 -0.80 -11.72 -9.67
CA LEU A 293 -2.25 -11.73 -9.62
C LEU A 293 -2.77 -10.93 -8.43
N THR A 294 -2.05 -11.04 -7.33
CA THR A 294 -2.37 -10.34 -6.09
C THR A 294 -1.44 -9.14 -5.88
N PRO A 295 -2.01 -7.99 -5.50
CA PRO A 295 -1.21 -6.78 -5.31
C PRO A 295 -0.18 -6.95 -4.21
N SER A 296 1.00 -6.37 -4.42
CA SER A 296 2.10 -6.51 -3.47
C SER A 296 3.17 -5.45 -3.68
N SER A 297 3.64 -4.88 -2.58
CA SER A 297 4.82 -4.00 -2.56
C SER A 297 6.08 -4.79 -2.92
N GLU A 298 5.94 -6.11 -2.96
CA GLU A 298 7.01 -7.04 -3.28
C GLU A 298 7.42 -7.07 -4.75
N VAL A 299 6.48 -6.81 -5.66
CA VAL A 299 6.77 -6.82 -7.08
C VAL A 299 6.32 -5.51 -7.71
N TYR A 300 7.10 -5.00 -8.65
CA TYR A 300 6.64 -3.88 -9.46
C TYR A 300 6.61 -4.24 -10.96
N SER A 301 5.46 -3.92 -11.55
CA SER A 301 5.24 -4.00 -12.98
C SER A 301 4.74 -2.64 -13.47
N PRO A 302 5.08 -2.28 -14.72
CA PRO A 302 4.72 -0.97 -15.27
C PRO A 302 3.22 -0.64 -15.23
N ILE A 303 2.36 -1.56 -15.71
CA ILE A 303 0.92 -1.31 -15.76
C ILE A 303 0.18 -2.33 -14.89
N GLU A 304 -0.78 -1.85 -14.08
CA GLU A 304 -1.53 -2.71 -13.17
C GLU A 304 -2.80 -2.03 -12.60
N LYS A 305 -3.70 -1.57 -13.47
CA LYS A 305 -4.86 -0.80 -13.00
C LYS A 305 -6.11 -0.89 -13.89
N GLU A 306 -7.05 0.01 -13.61
CA GLU A 306 -8.29 0.11 -14.37
C GLU A 306 -8.09 1.06 -15.53
N SER A 307 -8.92 0.91 -16.55
CA SER A 307 -8.78 1.56 -17.86
C SER A 307 -8.87 3.08 -17.82
N PRO A 308 -7.73 3.76 -18.03
CA PRO A 308 -7.48 5.21 -17.87
C PRO A 308 -8.30 6.07 -18.82
N TRP A 309 -8.87 5.47 -19.86
CA TRP A 309 -9.72 6.24 -20.76
C TRP A 309 -11.02 6.76 -20.12
N LYS A 310 -11.53 6.00 -19.16
CA LYS A 310 -12.75 6.38 -18.49
C LYS A 310 -12.60 7.76 -17.84
N ILE A 311 -11.51 8.00 -17.11
CA ILE A 311 -11.30 9.31 -16.48
C ILE A 311 -11.26 10.37 -17.55
N LEU A 312 -10.57 10.06 -18.63
CA LEU A 312 -10.30 11.02 -19.65
C LEU A 312 -11.57 11.45 -20.40
N MET A 313 -12.51 10.53 -20.55
CA MET A 313 -13.79 10.85 -21.16
C MET A 313 -14.63 11.77 -20.28
N TYR A 314 -14.65 11.46 -18.99
CA TYR A 314 -15.38 12.25 -18.02
C TYR A 314 -14.74 13.62 -17.88
N GLN A 315 -13.41 13.64 -17.87
CA GLN A 315 -12.63 14.85 -17.66
C GLN A 315 -12.81 15.86 -18.80
N TYR A 316 -12.85 15.38 -20.03
CA TYR A 316 -13.00 16.24 -21.20
C TYR A 316 -14.44 16.21 -21.71
N ASN A 317 -15.30 15.60 -20.91
CA ASN A 317 -16.74 15.52 -21.16
C ASN A 317 -17.02 14.98 -22.55
N ILE A 318 -16.53 13.78 -22.82
CA ILE A 318 -16.68 13.15 -24.11
C ILE A 318 -17.97 12.31 -24.11
N PRO A 319 -18.74 12.37 -25.21
CA PRO A 319 -19.99 11.61 -25.32
C PRO A 319 -19.75 10.15 -24.97
N PRO A 320 -20.73 9.49 -24.37
CA PRO A 320 -20.52 8.16 -23.78
C PRO A 320 -20.23 7.06 -24.78
N GLU A 321 -20.68 7.29 -26.00
CA GLU A 321 -20.60 6.35 -27.09
C GLU A 321 -19.19 6.04 -27.61
N ARG A 322 -18.21 6.84 -27.17
CA ARG A 322 -16.86 6.78 -27.70
C ARG A 322 -15.81 5.97 -26.93
N GLU A 323 -16.22 5.05 -26.05
CA GLU A 323 -15.20 4.28 -25.30
C GLU A 323 -14.20 3.57 -26.20
N VAL A 324 -14.73 2.97 -27.28
CA VAL A 324 -13.94 2.20 -28.22
C VAL A 324 -13.00 3.09 -29.02
N LEU A 325 -13.45 4.29 -29.38
CA LEU A 325 -12.58 5.24 -30.04
C LEU A 325 -11.44 5.59 -29.11
N VAL A 326 -11.81 5.90 -27.87
CA VAL A 326 -10.84 6.26 -26.86
C VAL A 326 -9.88 5.10 -26.61
N ARG A 327 -10.43 3.89 -26.48
CA ARG A 327 -9.60 2.70 -26.25
C ARG A 327 -8.71 2.40 -27.44
N GLU A 328 -9.24 2.61 -28.65
CA GLU A 328 -8.48 2.36 -29.87
C GLU A 328 -7.24 3.25 -29.94
N LEU A 329 -7.40 4.51 -29.58
CA LEU A 329 -6.26 5.43 -29.52
C LEU A 329 -5.23 5.04 -28.48
N TYR A 330 -5.70 4.56 -27.33
CA TYR A 330 -4.82 4.07 -26.28
C TYR A 330 -3.96 2.90 -26.79
N GLN A 331 -4.56 1.97 -27.54
CA GLN A 331 -3.81 0.82 -28.02
C GLN A 331 -2.77 1.18 -29.05
N TRP A 332 -3.16 2.04 -29.99
CA TRP A 332 -2.28 2.47 -31.04
C TRP A 332 -1.05 3.17 -30.46
N ARG A 333 -1.30 4.10 -29.56
CA ARG A 333 -0.26 4.88 -28.92
C ARG A 333 0.74 3.99 -28.20
N ASP A 334 0.22 3.00 -27.49
CA ASP A 334 1.06 2.08 -26.78
C ASP A 334 1.88 1.24 -27.74
N LEU A 335 1.25 0.72 -28.79
CA LEU A 335 1.93 -0.11 -29.78
C LEU A 335 3.01 0.67 -30.47
N ILE A 336 2.68 1.90 -30.82
CA ILE A 336 3.59 2.77 -31.54
C ILE A 336 4.75 3.19 -30.63
N ALA A 337 4.44 3.46 -29.37
CA ALA A 337 5.45 3.75 -28.36
C ALA A 337 6.41 2.59 -28.18
N ARG A 338 5.87 1.38 -28.10
CA ARG A 338 6.71 0.19 -28.01
C ARG A 338 7.58 0.04 -29.25
N ARG A 339 6.98 0.23 -30.41
CA ARG A 339 7.67 0.06 -31.69
C ARG A 339 8.85 1.02 -31.80
N ASP A 340 8.59 2.28 -31.47
CA ASP A 340 9.61 3.30 -31.67
C ASP A 340 10.40 3.59 -30.40
N ASP A 341 10.14 2.84 -29.33
CA ASP A 341 10.83 2.98 -28.04
C ASP A 341 10.72 4.41 -27.51
N GLU A 342 9.49 4.87 -27.33
CA GLU A 342 9.18 6.22 -26.85
C GLU A 342 8.17 6.11 -25.71
N SER A 343 8.02 7.14 -24.89
CA SER A 343 6.94 7.13 -23.92
C SER A 343 5.63 7.32 -24.66
N PRO A 344 4.52 6.86 -24.08
CA PRO A 344 3.25 7.22 -24.69
C PRO A 344 3.00 8.72 -24.80
N ARG A 345 3.47 9.53 -23.85
CA ARG A 345 3.18 10.96 -23.93
C ARG A 345 4.01 11.68 -24.99
N PHE A 346 5.18 11.15 -25.33
CA PHE A 346 5.93 11.68 -26.46
C PHE A 346 5.19 11.44 -27.77
N VAL A 347 4.62 10.25 -27.88
CA VAL A 347 3.84 9.89 -29.06
C VAL A 347 2.60 10.76 -29.15
N MET A 348 1.87 10.85 -28.04
CA MET A 348 0.62 11.61 -27.97
C MET A 348 0.15 11.82 -26.53
N PRO A 349 0.30 13.04 -26.00
CA PRO A 349 -0.19 13.28 -24.64
C PRO A 349 -1.69 12.98 -24.53
N ASN A 350 -2.16 12.59 -23.35
CA ASN A 350 -3.58 12.26 -23.17
C ASN A 350 -4.47 13.43 -23.59
N GLN A 351 -3.96 14.63 -23.37
CA GLN A 351 -4.69 15.85 -23.69
C GLN A 351 -4.89 15.96 -25.20
N LEU A 352 -3.86 15.61 -25.98
CA LEU A 352 -3.99 15.55 -27.44
C LEU A 352 -4.95 14.43 -27.83
N LEU A 353 -4.87 13.31 -27.12
CA LEU A 353 -5.75 12.18 -27.35
C LEU A 353 -7.17 12.65 -27.10
N ALA A 354 -7.36 13.38 -26.01
CA ALA A 354 -8.68 13.90 -25.66
C ALA A 354 -9.19 14.88 -26.71
N ALA A 355 -8.28 15.63 -27.32
CA ALA A 355 -8.63 16.55 -28.38
C ALA A 355 -9.10 15.81 -29.62
N LEU A 356 -8.42 14.71 -29.96
CA LEU A 356 -8.80 13.93 -31.12
C LEU A 356 -10.19 13.34 -30.96
N VAL A 357 -10.48 12.82 -29.77
CA VAL A 357 -11.76 12.21 -29.46
C VAL A 357 -12.86 13.25 -29.35
N ALA A 358 -12.55 14.42 -28.81
CA ALA A 358 -13.57 15.42 -28.63
C ALA A 358 -13.99 16.04 -29.95
N TYR A 359 -13.01 16.27 -30.82
CA TYR A 359 -13.28 17.01 -32.06
C TYR A 359 -13.34 16.14 -33.32
N THR A 360 -12.96 14.88 -33.17
CA THR A 360 -13.06 13.86 -34.24
C THR A 360 -12.79 14.35 -35.65
N PRO A 361 -11.60 14.88 -35.89
CA PRO A 361 -11.25 15.23 -37.26
C PRO A 361 -11.12 13.99 -38.12
N THR A 362 -11.61 14.06 -39.35
CA THR A 362 -11.71 12.89 -40.20
C THR A 362 -10.84 12.99 -41.47
N ASP A 363 -10.02 14.04 -41.55
CA ASP A 363 -9.08 14.18 -42.64
C ASP A 363 -7.73 14.64 -42.09
N VAL A 364 -6.67 14.58 -42.90
CA VAL A 364 -5.33 14.91 -42.43
C VAL A 364 -5.26 16.31 -41.88
N ILE A 365 -5.83 17.23 -42.62
CA ILE A 365 -5.84 18.64 -42.25
C ILE A 365 -6.51 18.85 -40.89
N GLY A 366 -7.59 18.13 -40.63
CA GLY A 366 -8.30 18.26 -39.36
C GLY A 366 -7.48 17.78 -38.19
N VAL A 367 -6.71 16.71 -38.40
CA VAL A 367 -5.88 16.16 -37.34
C VAL A 367 -4.77 17.11 -37.00
N VAL A 368 -4.05 17.52 -38.03
CA VAL A 368 -2.86 18.32 -37.86
C VAL A 368 -3.18 19.73 -37.39
N SER A 369 -4.34 20.26 -37.78
CA SER A 369 -4.64 21.66 -37.48
C SER A 369 -5.40 21.76 -36.17
N LEU A 370 -5.39 20.69 -35.38
CA LEU A 370 -6.09 20.72 -34.09
C LEU A 370 -5.55 21.79 -33.22
N THR A 371 -6.47 22.40 -32.48
CA THR A 371 -6.20 23.61 -31.73
C THR A 371 -5.01 23.34 -30.81
N ASN A 372 -4.93 22.11 -30.31
CA ASN A 372 -3.81 21.68 -29.49
C ASN A 372 -2.49 21.77 -30.22
N GLY A 373 -2.53 21.48 -31.51
CA GLY A 373 -1.31 21.37 -32.26
C GLY A 373 -1.08 19.89 -32.08
N VAL A 374 -0.06 19.31 -32.72
CA VAL A 374 0.08 17.86 -32.63
C VAL A 374 1.52 17.50 -32.45
N THR A 375 1.75 16.27 -32.03
CA THR A 375 3.09 15.73 -31.92
C THR A 375 3.61 15.27 -33.27
N GLU A 376 4.90 14.97 -33.30
CA GLU A 376 5.52 14.45 -34.50
C GLU A 376 4.85 13.13 -34.90
N HIS A 377 4.55 12.27 -33.94
CA HIS A 377 3.94 11.00 -34.29
C HIS A 377 2.56 11.15 -34.88
N VAL A 378 1.78 12.09 -34.34
CA VAL A 378 0.45 12.34 -34.87
C VAL A 378 0.49 12.92 -36.31
N ARG A 379 1.44 13.81 -36.59
CA ARG A 379 1.60 14.34 -37.95
C ARG A 379 1.90 13.22 -38.93
N GLN A 380 2.81 12.34 -38.53
CA GLN A 380 3.22 11.26 -39.40
C GLN A 380 2.11 10.27 -39.65
N ASN A 381 1.21 10.11 -38.69
CA ASN A 381 0.17 9.10 -38.81
C ASN A 381 -1.21 9.73 -38.92
N ALA A 382 -1.25 10.97 -39.41
CA ALA A 382 -2.49 11.75 -39.45
C ALA A 382 -3.60 11.08 -40.24
N LYS A 383 -3.24 10.42 -41.34
CA LYS A 383 -4.22 9.76 -42.22
C LYS A 383 -4.78 8.53 -41.54
N LEU A 384 -3.88 7.76 -40.92
CA LEU A 384 -4.28 6.59 -40.14
C LEU A 384 -5.24 7.01 -39.06
N LEU A 385 -4.90 8.07 -38.34
CA LEU A 385 -5.71 8.55 -37.23
C LEU A 385 -7.08 9.03 -37.73
N ALA A 386 -7.09 9.68 -38.87
CA ALA A 386 -8.35 10.14 -39.42
C ALA A 386 -9.24 8.98 -39.84
N ASN A 387 -8.61 7.94 -40.39
CA ASN A 387 -9.30 6.73 -40.79
C ASN A 387 -9.85 5.99 -39.57
N LEU A 388 -9.03 5.90 -38.53
CA LEU A 388 -9.44 5.31 -37.27
C LEU A 388 -10.69 6.02 -36.76
N ILE A 389 -10.64 7.34 -36.78
CA ILE A 389 -11.74 8.18 -36.34
C ILE A 389 -12.96 8.11 -37.25
N ARG A 390 -12.76 8.11 -38.56
CA ARG A 390 -13.87 8.05 -39.51
C ARG A 390 -14.71 6.81 -39.31
N ASP A 391 -14.02 5.70 -39.12
CA ASP A 391 -14.64 4.41 -38.96
C ASP A 391 -15.52 4.43 -37.72
N ALA A 392 -15.00 4.98 -36.64
CA ALA A 392 -15.76 5.09 -35.41
C ALA A 392 -17.02 5.94 -35.61
N LEU A 393 -16.90 7.03 -36.36
CA LEU A 393 -18.06 7.88 -36.66
C LEU A 393 -19.07 7.14 -37.54
N ARG A 394 -18.56 6.40 -38.51
CA ARG A 394 -19.41 5.62 -39.40
C ARG A 394 -20.03 4.47 -38.60
N ASN A 395 -19.21 3.82 -37.79
CA ASN A 395 -19.65 2.69 -36.98
C ASN A 395 -20.61 3.13 -35.87
N ILE A 396 -20.44 4.33 -35.34
CA ILE A 396 -21.31 4.82 -34.28
C ILE A 396 -22.73 5.05 -34.82
N LYS A 397 -22.80 5.55 -36.05
CA LYS A 397 -24.05 5.85 -36.74
C LYS A 397 -24.69 4.55 -37.18
N ASN A 398 -23.93 3.79 -37.95
CA ASN A 398 -24.38 2.53 -38.48
C ASN A 398 -24.71 1.56 -37.35
N THR A 399 -23.76 1.39 -36.43
CA THR A 399 -23.95 0.49 -35.29
C THR A 399 -24.37 1.29 -34.05
N LYS B 11 -39.46 -12.66 14.12
CA LYS B 11 -38.34 -12.70 13.19
C LYS B 11 -37.74 -11.30 12.97
N ARG B 12 -38.35 -10.31 13.62
CA ARG B 12 -37.89 -8.91 13.53
C ARG B 12 -36.70 -8.63 14.48
N VAL B 13 -35.70 -7.89 13.98
CA VAL B 13 -34.53 -7.55 14.80
C VAL B 13 -34.39 -6.05 15.02
N GLU B 14 -34.53 -5.65 16.27
CA GLU B 14 -34.38 -4.25 16.66
C GLU B 14 -32.93 -3.81 16.63
N LYS B 15 -32.72 -2.51 16.51
CA LYS B 15 -31.37 -1.94 16.44
C LYS B 15 -30.72 -1.95 17.82
N PRO B 16 -29.66 -2.74 17.99
CA PRO B 16 -29.02 -2.87 19.31
C PRO B 16 -28.43 -1.57 19.85
N GLN B 17 -28.18 -0.60 18.98
CA GLN B 17 -27.66 0.69 19.41
C GLN B 17 -28.64 1.40 20.33
N LEU B 18 -29.94 1.15 20.13
CA LEU B 18 -30.97 1.80 20.93
C LEU B 18 -30.76 1.57 22.41
N LYS B 19 -30.23 0.40 22.78
CA LYS B 19 -30.02 0.08 24.20
C LYS B 19 -28.60 0.33 24.75
N PHE B 20 -27.72 0.89 23.93
CA PHE B 20 -26.41 1.31 24.40
C PHE B 20 -26.58 2.49 25.40
N LYS B 21 -25.72 2.57 26.40
CA LYS B 21 -25.71 3.73 27.30
C LYS B 21 -25.04 4.95 26.67
N SER B 22 -23.80 4.78 26.21
CA SER B 22 -23.09 5.85 25.49
C SER B 22 -23.69 6.02 24.12
N PRO B 23 -24.12 7.24 23.77
CA PRO B 23 -24.85 7.35 22.51
C PRO B 23 -23.92 7.43 21.29
N ILE B 24 -24.47 7.19 20.10
CA ILE B 24 -23.66 7.20 18.89
C ILE B 24 -23.53 8.60 18.32
N ASP B 25 -22.31 8.99 17.98
CA ASP B 25 -22.11 10.31 17.41
C ASP B 25 -21.53 10.15 16.04
N ASN B 26 -22.34 10.40 15.01
CA ASN B 26 -21.85 10.32 13.65
C ASN B 26 -21.57 11.72 13.08
N SER B 27 -21.69 12.73 13.93
CA SER B 27 -21.54 14.12 13.50
C SER B 27 -20.09 14.48 13.15
N GLU B 28 -19.13 13.83 13.84
CA GLU B 28 -17.70 14.04 13.59
C GLU B 28 -17.23 15.44 13.92
N SER B 29 -17.73 16.01 15.00
CA SER B 29 -17.36 17.35 15.46
C SER B 29 -15.86 17.48 15.76
N HIS B 30 -15.26 16.42 16.29
CA HIS B 30 -13.87 16.42 16.74
C HIS B 30 -13.16 15.16 16.23
N PRO B 31 -11.82 15.15 16.27
CA PRO B 31 -11.11 13.90 15.94
C PRO B 31 -11.53 12.76 16.87
N PHE B 32 -11.22 11.54 16.46
CA PHE B 32 -11.64 10.40 17.24
C PHE B 32 -10.98 10.48 18.62
N ILE B 33 -11.81 10.37 19.66
CA ILE B 33 -11.32 10.40 21.04
C ILE B 33 -11.29 8.99 21.62
N PRO B 34 -10.09 8.50 21.95
CA PRO B 34 -9.94 7.19 22.60
C PRO B 34 -10.87 7.03 23.82
N LEU B 35 -11.45 5.86 23.97
CA LEU B 35 -12.42 5.58 25.03
C LEU B 35 -11.77 5.19 26.33
N LEU B 36 -10.45 5.06 26.28
CA LEU B 36 -9.63 4.56 27.38
C LEU B 36 -9.64 5.52 28.57
N LYS B 37 -9.96 5.01 29.77
CA LYS B 37 -9.87 5.85 30.96
C LYS B 37 -8.80 5.31 31.92
N GLU B 38 -8.34 4.10 31.68
CA GLU B 38 -7.23 3.53 32.46
C GLU B 38 -6.30 2.68 31.60
N LYS B 39 -5.01 2.69 31.94
CA LYS B 39 -4.02 2.04 31.10
C LYS B 39 -3.25 0.94 31.84
N PRO B 40 -3.73 -0.32 31.75
CA PRO B 40 -2.97 -1.40 32.36
C PRO B 40 -1.67 -1.62 31.60
N ASN B 41 -0.67 -2.18 32.28
CA ASN B 41 0.61 -2.47 31.64
C ASN B 41 1.19 -1.24 30.95
N ALA B 42 1.11 -0.09 31.62
CA ALA B 42 1.59 1.16 31.04
C ALA B 42 3.09 1.33 31.26
N LEU B 43 3.79 1.73 30.21
CA LEU B 43 5.17 2.18 30.34
C LEU B 43 5.15 3.71 30.28
N LYS B 44 4.04 4.22 29.76
CA LYS B 44 3.84 5.65 29.63
C LYS B 44 2.45 5.96 30.16
N PRO B 45 2.32 7.02 30.96
CA PRO B 45 1.02 7.38 31.53
C PRO B 45 -0.03 7.69 30.47
N LEU B 46 -1.26 7.30 30.76
CA LEU B 46 -2.39 7.54 29.86
C LEU B 46 -2.60 9.04 29.64
N SER B 47 -2.29 9.82 30.67
CA SER B 47 -2.55 11.26 30.66
C SER B 47 -1.93 11.97 29.47
N GLU B 48 -0.67 11.67 29.19
CA GLU B 48 0.01 12.30 28.07
C GLU B 48 -0.49 11.80 26.73
N SER B 49 -1.11 10.62 26.73
CA SER B 49 -1.61 10.06 25.49
C SER B 49 -2.85 10.82 25.06
N LEU B 50 -3.63 11.25 26.03
CA LEU B 50 -4.90 11.89 25.75
C LEU B 50 -4.72 13.40 25.61
N ARG B 51 -3.76 13.77 24.77
CA ARG B 51 -3.51 15.17 24.42
C ARG B 51 -3.41 15.24 22.90
N LEU B 52 -4.04 16.25 22.32
CA LEU B 52 -4.11 16.38 20.87
C LEU B 52 -2.72 16.55 20.26
N VAL B 53 -2.63 16.31 18.96
CA VAL B 53 -1.39 16.53 18.23
C VAL B 53 -1.82 17.67 17.32
N ASP B 54 -0.96 18.66 17.11
CA ASP B 54 -1.36 19.79 16.29
C ASP B 54 -1.28 19.58 14.78
N ASP B 55 -1.95 20.47 14.04
CA ASP B 55 -2.03 20.41 12.59
C ASP B 55 -0.67 20.59 11.89
N ASP B 56 -0.52 19.93 10.75
CA ASP B 56 0.73 19.93 9.98
C ASP B 56 0.38 19.60 8.54
N GLU B 57 1.38 19.70 7.67
CA GLU B 57 1.18 19.51 6.24
C GLU B 57 0.65 18.11 5.92
N ASN B 58 1.40 17.09 6.34
CA ASN B 58 1.03 15.70 6.07
C ASN B 58 -0.19 15.23 6.86
N ASN B 59 -0.28 15.63 8.13
CA ASN B 59 -1.39 15.20 8.95
C ASN B 59 -1.92 16.33 9.85
N PRO B 60 -3.22 16.34 10.11
CA PRO B 60 -3.92 17.33 10.94
C PRO B 60 -3.95 16.92 12.41
N SER B 61 -4.65 17.70 13.21
CA SER B 61 -4.73 17.41 14.64
C SER B 61 -5.44 16.09 14.90
N HIS B 62 -5.02 15.41 15.96
CA HIS B 62 -5.57 14.11 16.30
C HIS B 62 -5.02 13.65 17.64
N TYR B 63 -5.63 12.64 18.22
CA TYR B 63 -5.06 12.01 19.38
C TYR B 63 -4.20 10.85 18.90
N PRO B 64 -3.14 10.51 19.65
CA PRO B 64 -2.30 9.42 19.18
C PRO B 64 -2.79 8.07 19.66
N HIS B 65 -2.16 7.01 19.16
CA HIS B 65 -2.46 5.67 19.60
C HIS B 65 -2.00 5.55 21.05
N PRO B 66 -2.94 5.35 21.97
CA PRO B 66 -2.57 5.36 23.39
C PRO B 66 -1.58 4.28 23.82
N TYR B 67 -1.44 3.19 23.07
CA TYR B 67 -0.49 2.15 23.46
C TYR B 67 0.74 2.02 22.57
N GLU B 68 0.99 3.02 21.75
CA GLU B 68 2.06 2.93 20.79
C GLU B 68 3.47 2.72 21.40
N TYR B 69 3.77 3.41 22.51
CA TYR B 69 5.10 3.27 23.11
C TYR B 69 5.34 1.84 23.63
N GLU B 70 4.34 1.26 24.30
CA GLU B 70 4.48 -0.08 24.84
C GLU B 70 4.79 -1.07 23.72
N ILE B 71 4.07 -0.95 22.62
CA ILE B 71 4.24 -1.85 21.49
C ILE B 71 5.67 -1.79 20.97
N ASP B 72 6.24 -0.59 20.96
CA ASP B 72 7.56 -0.39 20.38
C ASP B 72 8.61 -0.93 21.34
N HIS B 73 8.38 -0.69 22.62
CA HIS B 73 9.41 -0.85 23.63
C HIS B 73 9.16 -1.89 24.70
N GLN B 74 8.01 -2.51 24.70
CA GLN B 74 7.75 -3.58 25.65
C GLN B 74 8.61 -4.79 25.27
N GLU B 75 9.12 -5.48 26.28
CA GLU B 75 10.09 -6.55 26.06
C GLU B 75 9.40 -7.83 25.65
N TYR B 76 9.96 -8.48 24.63
CA TYR B 76 9.37 -9.72 24.16
C TYR B 76 9.62 -10.87 25.13
N SER B 77 8.63 -11.73 25.27
CA SER B 77 8.81 -12.92 26.09
C SER B 77 9.85 -13.82 25.43
N PRO B 78 10.87 -14.25 26.18
CA PRO B 78 11.98 -15.02 25.59
C PRO B 78 11.63 -16.38 25.02
N GLU B 79 10.55 -17.00 25.50
CA GLU B 79 10.13 -18.30 25.00
C GLU B 79 9.60 -18.19 23.56
N ILE B 80 8.87 -17.12 23.25
CA ILE B 80 8.31 -16.97 21.90
C ILE B 80 9.46 -16.95 20.90
N LEU B 81 10.61 -16.45 21.34
CA LEU B 81 11.82 -16.43 20.52
C LEU B 81 12.34 -17.83 20.30
N GLN B 82 11.97 -18.76 21.19
CA GLN B 82 12.43 -20.14 21.06
C GLN B 82 11.36 -21.06 20.45
N ILE B 83 11.81 -22.07 19.72
CA ILE B 83 10.95 -23.15 19.32
C ILE B 83 10.46 -23.92 20.54
N ARG B 84 9.17 -24.17 20.61
CA ARG B 84 8.62 -24.99 21.68
C ARG B 84 7.50 -25.77 20.99
N GLU B 85 7.37 -27.05 21.28
CA GLU B 85 6.51 -27.90 20.43
C GLU B 85 5.02 -27.62 20.57
N GLU B 86 4.28 -28.04 19.55
CA GLU B 86 2.91 -27.64 19.33
C GLU B 86 1.92 -28.32 20.27
N ILE B 87 0.96 -27.54 20.75
CA ILE B 87 -0.18 -28.08 21.50
C ILE B 87 -1.37 -28.20 20.54
N PRO B 88 -1.77 -29.45 20.19
CA PRO B 88 -2.87 -29.64 19.23
C PRO B 88 -4.17 -29.02 19.69
N SER B 89 -5.09 -28.79 18.76
CA SER B 89 -6.36 -28.24 19.15
C SER B 89 -7.08 -29.25 20.01
N LYS B 90 -7.83 -28.76 20.99
CA LYS B 90 -8.71 -29.60 21.79
C LYS B 90 -9.85 -30.10 20.92
N SER B 91 -10.38 -31.27 21.26
CA SER B 91 -11.46 -31.84 20.48
C SER B 91 -12.70 -30.98 20.51
N TRP B 92 -13.29 -30.78 19.35
CA TRP B 92 -14.45 -29.92 19.19
C TRP B 92 -15.58 -30.34 20.12
N ASP B 93 -15.72 -31.64 20.31
CA ASP B 93 -16.85 -32.18 21.05
C ASP B 93 -16.65 -32.33 22.54
N ASP B 94 -15.43 -32.16 23.02
CA ASP B 94 -15.14 -32.26 24.46
C ASP B 94 -15.58 -31.03 25.27
N SER B 95 -16.01 -29.98 24.58
CA SER B 95 -16.50 -28.79 25.27
C SER B 95 -17.43 -27.97 24.38
N VAL B 96 -18.19 -27.09 25.03
CA VAL B 96 -19.08 -26.17 24.36
C VAL B 96 -18.35 -24.82 24.40
N PRO B 97 -18.63 -23.93 23.43
CA PRO B 97 -18.03 -22.61 23.58
C PRO B 97 -18.72 -21.94 24.73
N ILE B 98 -17.99 -21.14 25.51
CA ILE B 98 -18.56 -20.52 26.71
C ILE B 98 -19.19 -19.19 26.33
N TRP B 99 -20.50 -19.10 26.51
CA TRP B 99 -21.19 -17.87 26.19
C TRP B 99 -21.04 -16.85 27.31
N VAL B 100 -20.51 -15.67 26.96
CA VAL B 100 -20.27 -14.59 27.93
C VAL B 100 -21.08 -13.33 27.59
N ASP B 101 -22.11 -13.00 28.38
CA ASP B 101 -22.83 -11.75 28.13
C ASP B 101 -23.22 -11.01 29.40
N THR B 102 -22.83 -11.54 30.56
CA THR B 102 -23.02 -10.79 31.81
C THR B 102 -21.67 -10.37 32.40
N SER B 103 -21.73 -9.42 33.32
CA SER B 103 -20.54 -8.90 33.98
C SER B 103 -19.82 -10.02 34.69
N THR B 104 -20.61 -10.92 35.26
CA THR B 104 -20.09 -12.01 36.06
C THR B 104 -19.28 -12.97 35.19
N GLU B 105 -19.86 -13.35 34.07
CA GLU B 105 -19.22 -14.28 33.14
C GLU B 105 -17.95 -13.66 32.60
N LEU B 106 -17.98 -12.35 32.37
CA LEU B 106 -16.82 -11.62 31.88
C LEU B 106 -15.67 -11.62 32.90
N GLU B 107 -16.01 -11.47 34.17
CA GLU B 107 -15.01 -11.46 35.21
C GLU B 107 -14.35 -12.83 35.33
N SER B 108 -15.15 -13.88 35.23
CA SER B 108 -14.63 -15.22 35.34
C SER B 108 -13.75 -15.54 34.14
N MET B 109 -14.22 -15.19 32.95
CA MET B 109 -13.43 -15.44 31.76
C MET B 109 -12.11 -14.71 31.88
N LEU B 110 -12.16 -13.45 32.32
CA LEU B 110 -10.97 -12.64 32.46
C LEU B 110 -10.01 -13.22 33.49
N GLU B 111 -10.56 -13.68 34.61
CA GLU B 111 -9.74 -14.28 35.65
C GLU B 111 -9.07 -15.54 35.12
N ASP B 112 -9.76 -16.25 34.25
CA ASP B 112 -9.22 -17.41 33.55
C ASP B 112 -8.11 -17.00 32.57
N LEU B 113 -8.38 -15.94 31.81
CA LEU B 113 -7.46 -15.47 30.80
C LEU B 113 -6.13 -14.95 31.35
N LYS B 114 -6.16 -14.38 32.55
CA LYS B 114 -4.95 -13.82 33.14
C LYS B 114 -3.83 -14.85 33.34
N ASN B 115 -4.17 -16.12 33.43
CA ASN B 115 -3.19 -17.17 33.71
C ASN B 115 -2.68 -17.90 32.46
N THR B 116 -3.04 -17.41 31.27
CA THR B 116 -2.62 -18.03 30.02
C THR B 116 -1.29 -17.47 29.55
N LYS B 117 -0.70 -18.09 28.53
CA LYS B 117 0.52 -17.57 27.93
C LYS B 117 0.23 -17.06 26.50
N GLU B 118 -0.91 -17.46 25.95
CA GLU B 118 -1.34 -17.01 24.63
C GLU B 118 -2.83 -17.27 24.47
N ILE B 119 -3.51 -16.39 23.72
CA ILE B 119 -4.92 -16.56 23.40
C ILE B 119 -5.10 -16.21 21.93
N ALA B 120 -6.13 -16.76 21.31
CA ALA B 120 -6.48 -16.47 19.92
C ALA B 120 -7.74 -15.62 19.93
N VAL B 121 -7.78 -14.57 19.12
CA VAL B 121 -8.89 -13.63 19.13
C VAL B 121 -9.39 -13.33 17.72
N ASP B 122 -10.71 -13.18 17.58
CA ASP B 122 -11.34 -12.77 16.32
C ASP B 122 -12.57 -11.99 16.70
N LEU B 123 -13.19 -11.36 15.71
CA LEU B 123 -14.42 -10.59 15.87
C LEU B 123 -15.41 -10.86 14.76
N GLU B 124 -16.68 -10.56 15.04
CA GLU B 124 -17.70 -10.48 14.00
C GLU B 124 -18.22 -9.03 14.03
N HIS B 125 -18.36 -8.42 12.85
CA HIS B 125 -18.65 -6.98 12.68
C HIS B 125 -19.89 -6.78 11.83
N HIS B 126 -20.71 -5.79 12.16
CA HIS B 126 -21.91 -5.48 11.36
C HIS B 126 -21.87 -4.03 10.86
N ASP B 127 -21.99 -3.80 9.56
CA ASP B 127 -21.96 -2.43 9.05
C ASP B 127 -23.14 -2.01 8.16
N TYR B 128 -24.16 -2.86 8.02
CA TYR B 128 -25.30 -2.52 7.18
C TYR B 128 -26.24 -1.56 7.91
N ARG B 129 -26.53 -1.88 9.17
CA ARG B 129 -27.46 -1.08 9.96
C ARG B 129 -26.72 -0.29 11.02
N SER B 130 -25.64 0.36 10.60
CA SER B 130 -24.82 1.23 11.41
C SER B 130 -23.97 2.04 10.46
N TYR B 131 -23.75 3.33 10.76
CA TYR B 131 -22.97 4.19 9.87
C TYR B 131 -21.49 3.77 9.84
N TYR B 132 -20.80 3.84 10.98
CA TYR B 132 -19.41 3.42 11.04
C TYR B 132 -19.31 1.90 11.10
N GLY B 133 -20.28 1.28 11.77
CA GLY B 133 -20.29 -0.15 11.99
C GLY B 133 -20.25 -0.46 13.48
N ILE B 134 -20.65 -1.66 13.88
CA ILE B 134 -20.60 -2.06 15.29
C ILE B 134 -19.99 -3.45 15.42
N VAL B 135 -19.22 -3.67 16.49
CA VAL B 135 -18.70 -5.00 16.78
C VAL B 135 -19.77 -5.81 17.53
N CYS B 136 -20.21 -6.89 16.92
CA CYS B 136 -21.30 -7.73 17.43
C CYS B 136 -20.88 -8.92 18.26
N LEU B 137 -19.71 -9.48 17.96
CA LEU B 137 -19.23 -10.67 18.64
C LEU B 137 -17.73 -10.63 18.77
N MET B 138 -17.24 -11.23 19.84
CA MET B 138 -15.82 -11.49 20.01
C MET B 138 -15.59 -12.95 20.32
N GLN B 139 -14.63 -13.57 19.63
CA GLN B 139 -14.28 -14.95 19.88
C GLN B 139 -12.93 -15.04 20.57
N ILE B 140 -12.84 -15.74 21.70
CA ILE B 140 -11.54 -15.96 22.33
C ILE B 140 -11.33 -17.41 22.64
N SER B 141 -10.19 -17.96 22.23
CA SER B 141 -9.83 -19.35 22.55
C SER B 141 -8.56 -19.41 23.38
N THR B 142 -8.64 -20.17 24.47
CA THR B 142 -7.46 -20.56 25.20
C THR B 142 -7.07 -21.98 24.77
N ARG B 143 -6.03 -22.52 25.38
CA ARG B 143 -5.64 -23.89 25.08
C ARG B 143 -6.77 -24.87 25.45
N GLU B 144 -7.52 -24.56 26.51
CA GLU B 144 -8.63 -25.41 26.98
C GLU B 144 -10.03 -25.17 26.41
N ARG B 145 -10.44 -23.91 26.33
CA ARG B 145 -11.84 -23.57 26.01
C ARG B 145 -11.95 -22.45 24.98
N ASP B 146 -13.10 -22.41 24.32
CA ASP B 146 -13.45 -21.37 23.38
C ASP B 146 -14.53 -20.52 24.00
N TYR B 147 -14.40 -19.21 23.90
CA TYR B 147 -15.39 -18.28 24.43
C TYR B 147 -16.08 -17.47 23.32
N LEU B 148 -17.38 -17.28 23.47
CA LEU B 148 -18.11 -16.42 22.55
C LEU B 148 -18.72 -15.29 23.39
N VAL B 149 -18.23 -14.07 23.14
CA VAL B 149 -18.53 -12.91 23.98
C VAL B 149 -19.48 -11.94 23.29
N ASP B 150 -20.60 -11.66 23.95
CA ASP B 150 -21.54 -10.65 23.46
C ASP B 150 -21.03 -9.23 23.68
N THR B 151 -20.45 -8.65 22.62
CA THR B 151 -19.89 -7.30 22.64
C THR B 151 -20.94 -6.24 22.51
N LEU B 152 -22.15 -6.64 22.09
CA LEU B 152 -23.26 -5.72 22.12
C LEU B 152 -23.68 -5.52 23.57
N LYS B 153 -23.97 -6.62 24.26
CA LYS B 153 -24.53 -6.53 25.58
C LYS B 153 -23.47 -6.12 26.62
N LEU B 154 -22.21 -6.38 26.34
CA LEU B 154 -21.17 -6.01 27.30
C LEU B 154 -20.31 -4.87 26.78
N ARG B 155 -20.82 -4.12 25.82
CA ARG B 155 -20.07 -3.03 25.20
C ARG B 155 -19.30 -2.09 26.14
N GLU B 156 -19.90 -1.69 27.24
CA GLU B 156 -19.28 -0.67 28.09
C GLU B 156 -18.38 -1.25 29.17
N ASN B 157 -18.31 -2.58 29.22
CA ASN B 157 -17.53 -3.28 30.25
C ASN B 157 -16.26 -3.91 29.73
N LEU B 158 -16.21 -4.14 28.43
CA LEU B 158 -15.20 -5.01 27.84
C LEU B 158 -13.79 -4.43 27.96
N HIS B 159 -13.71 -3.15 28.25
CA HIS B 159 -12.42 -2.47 28.38
C HIS B 159 -11.50 -3.13 29.39
N ILE B 160 -12.07 -3.81 30.38
CA ILE B 160 -11.28 -4.41 31.43
C ILE B 160 -10.38 -5.50 30.87
N LEU B 161 -10.66 -5.94 29.66
CA LEU B 161 -9.82 -6.96 29.02
C LEU B 161 -8.45 -6.41 28.66
N ASN B 162 -8.28 -5.09 28.72
CA ASN B 162 -7.00 -4.48 28.41
C ASN B 162 -5.93 -4.96 29.36
N GLU B 163 -6.34 -5.41 30.53
CA GLU B 163 -5.39 -5.99 31.48
C GLU B 163 -4.61 -7.11 30.81
N VAL B 164 -5.32 -7.95 30.06
CA VAL B 164 -4.69 -9.08 29.37
C VAL B 164 -4.23 -8.72 27.96
N PHE B 165 -5.05 -7.99 27.22
CA PHE B 165 -4.75 -7.64 25.82
C PHE B 165 -3.52 -6.78 25.66
N THR B 166 -3.16 -6.03 26.70
CA THR B 166 -1.95 -5.22 26.63
C THR B 166 -0.88 -5.78 27.55
N ASN B 167 -1.11 -6.98 28.07
CA ASN B 167 -0.10 -7.68 28.83
C ASN B 167 0.85 -8.33 27.86
N PRO B 168 2.10 -7.85 27.81
CA PRO B 168 3.04 -8.35 26.81
C PRO B 168 3.52 -9.76 27.15
N SER B 169 3.18 -10.21 28.35
CA SER B 169 3.59 -11.53 28.80
C SER B 169 2.63 -12.61 28.29
N ILE B 170 1.62 -12.18 27.54
CA ILE B 170 0.62 -13.04 26.91
C ILE B 170 0.52 -12.77 25.42
N VAL B 171 0.82 -13.75 24.58
CA VAL B 171 0.72 -13.55 23.13
C VAL B 171 -0.76 -13.45 22.75
N LYS B 172 -1.10 -12.50 21.88
CA LYS B 172 -2.43 -12.49 21.28
C LYS B 172 -2.33 -12.80 19.80
N VAL B 173 -2.90 -13.93 19.41
CA VAL B 173 -2.84 -14.41 18.04
C VAL B 173 -4.13 -14.07 17.29
N PHE B 174 -3.93 -13.36 16.18
CA PHE B 174 -4.97 -12.96 15.25
C PHE B 174 -4.54 -13.40 13.88
N HIS B 175 -5.50 -13.71 13.03
CA HIS B 175 -5.18 -13.83 11.63
C HIS B 175 -5.65 -12.64 10.84
N GLY B 176 -4.74 -11.85 10.29
CA GLY B 176 -5.11 -10.66 9.53
C GLY B 176 -5.91 -9.67 10.36
N ALA B 177 -5.23 -9.11 11.36
CA ALA B 177 -5.88 -8.26 12.35
C ALA B 177 -6.05 -6.81 11.92
N PHE B 178 -5.62 -6.47 10.70
CA PHE B 178 -5.47 -5.07 10.31
C PHE B 178 -6.73 -4.30 10.59
N MET B 179 -7.87 -4.88 10.21
CA MET B 179 -9.14 -4.25 10.52
C MET B 179 -9.58 -4.51 11.96
N ASN B 180 -9.30 -5.69 12.50
CA ASN B 180 -9.74 -5.99 13.86
C ASN B 180 -9.17 -4.98 14.86
N ILE B 181 -7.94 -4.53 14.63
CA ILE B 181 -7.34 -3.51 15.48
C ILE B 181 -8.10 -2.17 15.47
N ILE B 182 -8.50 -1.72 14.28
CA ILE B 182 -9.29 -0.50 14.12
C ILE B 182 -10.60 -0.54 14.93
N TRP B 183 -11.33 -1.64 14.80
CA TRP B 183 -12.64 -1.84 15.43
C TRP B 183 -12.59 -1.97 16.95
N LEU B 184 -11.59 -2.66 17.47
CA LEU B 184 -11.43 -2.74 18.92
C LEU B 184 -11.29 -1.35 19.53
N GLN B 185 -10.45 -0.50 18.92
CA GLN B 185 -10.23 0.89 19.35
C GLN B 185 -11.52 1.67 19.43
N ARG B 186 -12.15 1.72 18.26
CA ARG B 186 -13.33 2.52 18.00
C ARG B 186 -14.51 2.16 18.90
N ASP B 187 -14.79 0.87 19.01
CA ASP B 187 -16.01 0.39 19.68
C ASP B 187 -15.89 0.03 21.16
N LEU B 188 -14.77 -0.60 21.52
CA LEU B 188 -14.64 -1.22 22.83
C LEU B 188 -13.53 -0.65 23.68
N GLY B 189 -12.72 0.22 23.10
CA GLY B 189 -11.61 0.84 23.80
C GLY B 189 -10.52 -0.14 24.19
N LEU B 190 -10.29 -1.13 23.32
CA LEU B 190 -9.30 -2.18 23.60
C LEU B 190 -8.10 -2.07 22.67
N TYR B 191 -6.92 -2.28 23.25
CA TYR B 191 -5.66 -2.19 22.52
C TYR B 191 -4.89 -3.47 22.71
N VAL B 192 -3.89 -3.70 21.86
CA VAL B 192 -3.15 -4.97 21.87
C VAL B 192 -1.66 -4.78 21.97
N VAL B 193 -1.07 -5.39 22.99
CA VAL B 193 0.37 -5.41 23.14
C VAL B 193 0.81 -6.88 23.23
N GLY B 194 1.60 -7.32 22.26
CA GLY B 194 2.00 -8.71 22.16
C GLY B 194 1.32 -9.47 21.03
N LEU B 195 1.06 -8.80 19.91
CA LEU B 195 0.33 -9.43 18.80
C LEU B 195 1.17 -10.38 17.96
N PHE B 196 0.59 -11.52 17.62
CA PHE B 196 1.15 -12.40 16.59
C PHE B 196 0.10 -12.51 15.47
N ASP B 197 0.41 -11.95 14.29
CA ASP B 197 -0.54 -11.92 13.19
C ASP B 197 -0.21 -13.08 12.28
N THR B 198 -1.03 -14.11 12.26
CA THR B 198 -0.72 -15.29 11.47
C THR B 198 -0.76 -15.06 9.97
N TYR B 199 -1.45 -14.01 9.51
CA TYR B 199 -1.45 -13.62 8.10
C TYR B 199 -0.05 -13.23 7.65
N HIS B 200 0.62 -12.41 8.45
CA HIS B 200 1.97 -12.01 8.11
C HIS B 200 2.94 -13.18 8.23
N ALA B 201 2.73 -14.07 9.19
CA ALA B 201 3.55 -15.26 9.30
C ALA B 201 3.39 -16.12 8.04
N SER B 202 2.14 -16.31 7.65
CA SER B 202 1.81 -17.12 6.50
C SER B 202 2.47 -16.55 5.26
N LYS B 203 2.40 -15.23 5.11
CA LYS B 203 3.06 -14.57 4.00
C LYS B 203 4.56 -14.75 4.05
N ALA B 204 5.17 -14.55 5.22
CA ALA B 204 6.63 -14.61 5.32
C ALA B 204 7.15 -15.99 5.00
N ILE B 205 6.41 -16.99 5.44
CA ILE B 205 6.72 -18.38 5.16
C ILE B 205 6.55 -18.65 3.68
N GLY B 206 5.60 -17.99 3.04
CA GLY B 206 5.41 -18.22 1.63
C GLY B 206 4.41 -19.30 1.29
N LEU B 207 3.41 -19.48 2.14
CA LEU B 207 2.32 -20.38 1.80
C LEU B 207 1.67 -19.91 0.51
N PRO B 208 1.13 -20.84 -0.31
CA PRO B 208 0.55 -20.45 -1.60
C PRO B 208 -0.63 -19.51 -1.46
N ARG B 209 -1.40 -19.68 -0.40
CA ARG B 209 -2.50 -18.76 -0.12
C ARG B 209 -2.42 -18.31 1.36
N HIS B 210 -3.06 -17.20 1.71
CA HIS B 210 -2.86 -16.59 3.01
C HIS B 210 -4.13 -16.34 3.84
N SER B 211 -5.26 -16.92 3.46
CA SER B 211 -6.52 -16.72 4.17
C SER B 211 -6.68 -17.65 5.36
N LEU B 212 -7.55 -17.28 6.29
CA LEU B 212 -7.90 -18.15 7.40
C LEU B 212 -8.48 -19.46 6.89
N ALA B 213 -9.37 -19.36 5.92
CA ALA B 213 -9.99 -20.54 5.34
C ALA B 213 -8.95 -21.53 4.84
N TYR B 214 -7.89 -21.01 4.24
CA TYR B 214 -6.88 -21.88 3.69
C TYR B 214 -6.09 -22.57 4.79
N LEU B 215 -5.74 -21.83 5.82
CA LEU B 215 -5.04 -22.40 6.98
C LEU B 215 -5.89 -23.45 7.66
N LEU B 216 -7.17 -23.14 7.85
CA LEU B 216 -8.06 -24.08 8.54
C LEU B 216 -8.21 -25.34 7.72
N GLU B 217 -8.34 -25.16 6.41
CA GLU B 217 -8.50 -26.27 5.49
C GLU B 217 -7.31 -27.22 5.54
N ASN B 218 -6.11 -26.67 5.54
CA ASN B 218 -4.95 -27.53 5.42
C ASN B 218 -4.35 -27.96 6.74
N PHE B 219 -4.49 -27.12 7.76
CA PHE B 219 -3.91 -27.42 9.06
C PHE B 219 -4.89 -27.95 10.10
N ALA B 220 -6.16 -27.67 9.93
CA ALA B 220 -7.15 -28.09 10.91
C ALA B 220 -8.06 -29.12 10.26
N ASN B 221 -7.82 -29.37 8.98
CA ASN B 221 -8.70 -30.18 8.15
C ASN B 221 -10.13 -29.76 8.37
N PHE B 222 -10.38 -28.47 8.25
CA PHE B 222 -11.71 -27.90 8.47
C PHE B 222 -12.04 -26.93 7.32
N LYS B 223 -13.20 -27.10 6.69
CA LYS B 223 -13.57 -26.24 5.58
C LYS B 223 -14.46 -25.16 6.13
N THR B 224 -14.09 -23.90 5.86
CA THR B 224 -14.84 -22.78 6.42
C THR B 224 -16.01 -22.44 5.51
N SER B 225 -17.09 -21.97 6.14
CA SER B 225 -18.26 -21.50 5.41
C SER B 225 -18.21 -20.02 5.01
N LYS B 226 -18.39 -19.76 3.72
CA LYS B 226 -18.55 -18.42 3.20
C LYS B 226 -20.00 -17.92 3.36
N LYS B 227 -20.96 -18.86 3.35
CA LYS B 227 -22.39 -18.55 3.46
C LYS B 227 -22.82 -17.87 4.75
N TYR B 228 -22.15 -18.18 5.85
CA TYR B 228 -22.45 -17.56 7.13
C TYR B 228 -21.78 -16.22 7.26
N GLN B 229 -20.86 -15.93 6.33
CA GLN B 229 -20.18 -14.64 6.27
C GLN B 229 -21.12 -13.59 5.67
N LEU B 230 -22.29 -14.04 5.21
CA LEU B 230 -23.38 -13.15 4.77
C LEU B 230 -24.39 -12.82 5.88
N ALA B 231 -24.26 -13.47 7.03
CA ALA B 231 -25.25 -13.40 8.11
C ALA B 231 -25.27 -12.11 8.93
N ASP B 232 -26.35 -11.98 9.72
CA ASP B 232 -26.58 -10.83 10.57
C ASP B 232 -26.08 -11.14 11.97
N TRP B 233 -24.94 -10.58 12.35
CA TRP B 233 -24.35 -10.94 13.63
C TRP B 233 -25.00 -10.21 14.82
N ARG B 234 -26.03 -9.40 14.58
CA ARG B 234 -26.78 -8.78 15.68
C ARG B 234 -27.81 -9.70 16.32
N ILE B 235 -28.21 -10.75 15.62
CA ILE B 235 -29.31 -11.61 16.08
C ILE B 235 -29.01 -12.30 17.41
N ARG B 236 -30.01 -12.33 18.27
CA ARG B 236 -29.93 -13.04 19.54
C ARG B 236 -31.19 -13.84 19.81
N PRO B 237 -31.05 -15.09 20.25
CA PRO B 237 -29.72 -15.69 20.45
C PRO B 237 -29.15 -16.21 19.14
N LEU B 238 -27.91 -16.70 19.16
CA LEU B 238 -27.27 -17.21 17.96
C LEU B 238 -27.72 -18.60 17.56
N SER B 239 -27.79 -18.82 16.25
CA SER B 239 -28.02 -20.16 15.72
C SER B 239 -26.77 -21.02 15.92
N LYS B 240 -26.98 -22.32 16.05
CA LYS B 240 -25.90 -23.25 16.29
C LYS B 240 -24.86 -23.25 15.17
N PRO B 241 -25.30 -23.11 13.90
CA PRO B 241 -24.24 -23.03 12.89
C PRO B 241 -23.44 -21.74 12.99
N MET B 242 -24.10 -20.65 13.34
CA MET B 242 -23.39 -19.39 13.45
C MET B 242 -22.46 -19.46 14.65
N THR B 243 -22.94 -20.07 15.71
CA THR B 243 -22.13 -20.35 16.89
C THR B 243 -20.88 -21.15 16.50
N ALA B 244 -21.09 -22.16 15.66
CA ALA B 244 -20.02 -23.07 15.26
C ALA B 244 -19.01 -22.42 14.35
N TYR B 245 -19.51 -21.62 13.41
CA TYR B 245 -18.66 -20.93 12.47
C TYR B 245 -17.81 -19.88 13.20
N ALA B 246 -18.40 -19.23 14.20
CA ALA B 246 -17.68 -18.27 15.03
C ALA B 246 -16.62 -18.95 15.91
N ARG B 247 -17.00 -20.03 16.56
CA ARG B 247 -16.04 -20.82 17.32
C ARG B 247 -14.86 -21.28 16.46
N ALA B 248 -15.11 -21.63 15.21
CA ALA B 248 -14.07 -22.14 14.30
C ALA B 248 -12.98 -21.10 14.07
N ASP B 249 -13.30 -19.83 14.27
CA ASP B 249 -12.35 -18.76 14.00
C ASP B 249 -11.14 -18.79 14.94
N THR B 250 -11.35 -19.19 16.19
CA THR B 250 -10.24 -19.14 17.14
C THR B 250 -9.80 -20.50 17.67
N HIS B 251 -10.69 -21.49 17.56
CA HIS B 251 -10.47 -22.82 18.10
C HIS B 251 -9.16 -23.48 17.62
N PHE B 252 -8.79 -23.23 16.37
CA PHE B 252 -7.65 -23.90 15.77
C PHE B 252 -6.38 -23.03 15.66
N LEU B 253 -6.50 -21.75 15.95
CA LEU B 253 -5.45 -20.79 15.64
C LEU B 253 -4.20 -20.94 16.50
N LEU B 254 -4.34 -21.34 17.75
CA LEU B 254 -3.17 -21.50 18.62
C LEU B 254 -2.29 -22.67 18.15
N ASN B 255 -2.92 -23.72 17.61
CA ASN B 255 -2.13 -24.80 17.03
C ASN B 255 -1.38 -24.30 15.79
N ILE B 256 -2.08 -23.55 14.95
CA ILE B 256 -1.53 -22.95 13.74
C ILE B 256 -0.41 -21.96 14.03
N TYR B 257 -0.63 -21.10 15.02
CA TYR B 257 0.43 -20.22 15.51
C TYR B 257 1.70 -20.98 15.91
N ASP B 258 1.54 -22.07 16.66
CA ASP B 258 2.66 -22.90 17.09
C ASP B 258 3.48 -23.35 15.89
N GLN B 259 2.78 -23.84 14.87
CA GLN B 259 3.49 -24.34 13.71
C GLN B 259 4.16 -23.20 12.96
N LEU B 260 3.48 -22.06 12.84
CA LEU B 260 4.08 -20.93 12.16
C LEU B 260 5.23 -20.35 12.96
N ARG B 261 5.07 -20.19 14.27
CA ARG B 261 6.16 -19.67 15.08
C ARG B 261 7.42 -20.53 14.91
N ASN B 262 7.26 -21.83 15.09
CA ASN B 262 8.37 -22.76 14.97
C ASN B 262 9.00 -22.64 13.58
N LYS B 263 8.17 -22.49 12.56
CA LYS B 263 8.67 -22.43 11.19
C LYS B 263 9.47 -21.16 10.91
N LEU B 264 9.01 -20.04 11.45
CA LEU B 264 9.70 -18.77 11.29
C LEU B 264 11.09 -18.81 11.91
N ILE B 265 11.17 -19.36 13.11
CA ILE B 265 12.42 -19.41 13.86
C ILE B 265 13.52 -20.16 13.11
N GLU B 266 13.17 -21.30 12.54
CA GLU B 266 14.14 -22.05 11.74
C GLU B 266 14.67 -21.21 10.60
N SER B 267 13.76 -20.48 9.95
CA SER B 267 14.08 -19.74 8.74
C SER B 267 14.64 -18.38 9.12
N ASN B 268 14.75 -18.14 10.42
CA ASN B 268 15.21 -16.86 10.95
C ASN B 268 14.29 -15.73 10.48
N LYS B 269 12.98 -15.98 10.52
CA LYS B 269 12.02 -15.01 9.97
C LYS B 269 11.04 -14.47 10.99
N LEU B 270 11.23 -14.81 12.26
CA LEU B 270 10.27 -14.43 13.28
C LEU B 270 10.22 -12.95 13.57
N ALA B 271 11.39 -12.34 13.64
CA ALA B 271 11.51 -10.96 14.03
C ALA B 271 10.75 -10.02 13.07
N GLY B 272 10.83 -10.30 11.78
CA GLY B 272 10.08 -9.55 10.80
C GLY B 272 8.58 -9.68 10.99
N VAL B 273 8.13 -10.89 11.28
CA VAL B 273 6.72 -11.14 11.52
C VAL B 273 6.31 -10.47 12.80
N LEU B 274 7.21 -10.45 13.77
CA LEU B 274 6.95 -9.76 15.03
C LEU B 274 6.89 -8.27 14.79
N TYR B 275 7.80 -7.78 13.94
CA TYR B 275 7.80 -6.39 13.54
C TYR B 275 6.51 -6.00 12.79
N GLU B 276 6.14 -6.78 11.79
CA GLU B 276 4.91 -6.55 11.05
C GLU B 276 3.74 -6.53 11.99
N SER B 277 3.76 -7.42 12.95
CA SER B 277 2.65 -7.55 13.87
C SER B 277 2.55 -6.35 14.79
N ARG B 278 3.70 -5.81 15.20
CA ARG B 278 3.69 -4.62 16.03
C ARG B 278 3.08 -3.48 15.25
N ASN B 279 3.41 -3.40 13.98
CA ASN B 279 2.86 -2.39 13.10
C ASN B 279 1.35 -2.52 12.90
N VAL B 280 0.86 -3.74 12.81
CA VAL B 280 -0.58 -3.91 12.70
C VAL B 280 -1.23 -3.41 13.97
N ALA B 281 -0.64 -3.75 15.10
CA ALA B 281 -1.19 -3.36 16.39
C ALA B 281 -1.22 -1.85 16.54
N LYS B 282 -0.27 -1.17 15.88
CA LYS B 282 -0.13 0.28 15.96
C LYS B 282 -1.08 1.07 15.04
N ARG B 283 -1.73 0.41 14.06
CA ARG B 283 -2.70 1.08 13.18
C ARG B 283 -3.66 1.95 13.98
N ARG B 284 -3.96 3.15 13.46
CA ARG B 284 -4.79 4.10 14.20
C ARG B 284 -6.12 4.36 13.48
N PHE B 285 -7.22 4.41 14.24
CA PHE B 285 -8.50 4.76 13.66
C PHE B 285 -8.75 6.25 13.81
N GLU B 286 -9.04 6.89 12.67
CA GLU B 286 -9.40 8.30 12.69
C GLU B 286 -10.55 8.50 11.73
N TYR B 287 -11.37 9.51 12.00
CA TYR B 287 -12.43 9.85 11.07
C TYR B 287 -11.83 10.45 9.80
N SER B 288 -12.53 10.28 8.68
CA SER B 288 -12.03 10.73 7.39
C SER B 288 -11.92 12.26 7.37
N LYS B 289 -12.77 12.92 8.15
CA LYS B 289 -12.73 14.37 8.26
C LYS B 289 -11.34 14.77 8.75
N TYR B 290 -10.81 13.96 9.66
CA TYR B 290 -9.50 14.22 10.23
C TYR B 290 -8.44 13.28 9.71
N ARG B 291 -8.71 12.56 8.63
CA ARG B 291 -7.73 11.59 8.14
C ARG B 291 -6.52 12.31 7.55
N PRO B 292 -5.38 11.60 7.44
CA PRO B 292 -4.19 12.18 6.81
C PRO B 292 -4.40 12.31 5.30
N LEU B 293 -3.84 13.36 4.73
CA LEU B 293 -4.10 13.76 3.33
C LEU B 293 -3.69 12.74 2.27
N THR B 294 -2.58 12.04 2.47
CA THR B 294 -2.20 11.05 1.47
C THR B 294 -2.65 9.71 2.01
N PRO B 295 -3.31 8.90 1.16
CA PRO B 295 -3.86 7.62 1.63
C PRO B 295 -2.75 6.69 2.11
N SER B 296 -3.02 5.92 3.15
CA SER B 296 -1.98 5.12 3.75
C SER B 296 -2.51 3.98 4.59
N SER B 297 -1.87 2.82 4.47
CA SER B 297 -2.15 1.67 5.32
C SER B 297 -1.84 1.93 6.80
N GLU B 298 -1.15 3.04 7.08
CA GLU B 298 -0.81 3.42 8.45
C GLU B 298 -2.02 3.93 9.25
N VAL B 299 -2.97 4.52 8.53
CA VAL B 299 -4.18 5.08 9.14
C VAL B 299 -5.41 4.45 8.49
N TYR B 300 -6.46 4.22 9.28
CA TYR B 300 -7.73 3.85 8.67
C TYR B 300 -8.78 4.91 8.99
N SER B 301 -9.43 5.36 7.91
CA SER B 301 -10.60 6.21 7.98
C SER B 301 -11.66 5.50 7.15
N PRO B 302 -12.95 5.65 7.51
CA PRO B 302 -14.01 4.92 6.83
C PRO B 302 -14.04 5.13 5.30
N ILE B 303 -14.31 4.06 4.56
CA ILE B 303 -14.29 4.09 3.10
C ILE B 303 -15.68 3.85 2.54
N LYS B 305 -11.77 9.47 -0.02
CA LYS B 305 -12.78 10.44 -0.39
C LYS B 305 -12.22 11.59 -1.25
N GLU B 306 -11.83 11.28 -2.49
CA GLU B 306 -11.43 12.30 -3.46
C GLU B 306 -12.60 12.55 -4.44
N SER B 307 -13.64 13.21 -3.93
CA SER B 307 -14.97 13.24 -4.56
C SER B 307 -15.43 11.81 -4.78
N PRO B 308 -15.97 11.17 -3.73
CA PRO B 308 -16.30 9.74 -3.75
C PRO B 308 -17.44 9.43 -4.69
N TRP B 309 -18.25 10.42 -4.97
CA TRP B 309 -19.28 10.25 -5.96
C TRP B 309 -18.75 10.06 -7.37
N LYS B 310 -17.64 10.72 -7.69
CA LYS B 310 -16.99 10.61 -8.99
C LYS B 310 -16.67 9.15 -9.26
N ILE B 311 -16.19 8.50 -8.21
CA ILE B 311 -15.83 7.12 -8.28
C ILE B 311 -16.99 6.29 -8.72
N LEU B 312 -18.12 6.49 -8.05
CA LEU B 312 -19.29 5.71 -8.33
C LEU B 312 -19.95 6.24 -9.61
N MET B 313 -19.65 7.49 -9.97
CA MET B 313 -20.09 8.01 -11.27
C MET B 313 -19.44 7.22 -12.39
N TYR B 314 -18.18 6.85 -12.23
CA TYR B 314 -17.50 6.07 -13.26
C TYR B 314 -18.16 4.71 -13.42
N GLN B 315 -18.56 4.13 -12.30
CA GLN B 315 -19.08 2.76 -12.31
C GLN B 315 -20.39 2.64 -13.09
N TYR B 316 -21.29 3.60 -12.92
CA TYR B 316 -22.58 3.50 -13.58
C TYR B 316 -22.54 4.37 -14.82
N ASN B 317 -21.36 4.89 -15.10
CA ASN B 317 -21.15 5.71 -16.27
C ASN B 317 -22.14 6.85 -16.29
N ILE B 318 -22.11 7.68 -15.25
CA ILE B 318 -23.04 8.80 -15.19
C ILE B 318 -22.39 10.02 -15.82
N PRO B 319 -23.10 10.64 -16.78
CA PRO B 319 -22.61 11.84 -17.46
C PRO B 319 -22.37 13.00 -16.52
N PRO B 320 -21.40 13.87 -16.85
CA PRO B 320 -21.10 15.01 -15.98
C PRO B 320 -22.22 16.06 -15.95
N GLU B 321 -23.17 16.04 -16.87
CA GLU B 321 -24.27 17.00 -16.77
C GLU B 321 -25.17 16.68 -15.59
N ARG B 322 -25.21 15.41 -15.23
CA ARG B 322 -26.10 14.97 -14.17
C ARG B 322 -25.22 14.87 -12.95
N GLU B 323 -24.00 15.38 -13.08
CA GLU B 323 -23.02 15.33 -11.99
C GLU B 323 -23.48 16.09 -10.77
N VAL B 324 -24.09 17.25 -10.99
CA VAL B 324 -24.55 18.08 -9.89
C VAL B 324 -25.66 17.40 -9.09
N LEU B 325 -26.56 16.75 -9.82
CA LEU B 325 -27.61 15.94 -9.22
C LEU B 325 -27.03 14.79 -8.42
N VAL B 326 -26.09 14.09 -9.07
CA VAL B 326 -25.42 12.97 -8.48
C VAL B 326 -24.68 13.32 -7.20
N ARG B 327 -23.91 14.41 -7.19
CA ARG B 327 -23.17 14.76 -5.98
C ARG B 327 -24.11 15.13 -4.85
N GLU B 328 -25.19 15.85 -5.18
CA GLU B 328 -26.22 16.25 -4.22
C GLU B 328 -26.89 15.02 -3.63
N LEU B 329 -27.15 14.02 -4.47
CA LEU B 329 -27.69 12.75 -3.99
C LEU B 329 -26.75 11.97 -3.06
N TYR B 330 -25.46 11.94 -3.36
CA TYR B 330 -24.49 11.31 -2.46
C TYR B 330 -24.39 12.00 -1.11
N GLN B 331 -24.31 13.33 -1.14
CA GLN B 331 -24.15 14.09 0.09
C GLN B 331 -25.41 14.00 0.94
N TRP B 332 -26.57 14.08 0.31
CA TRP B 332 -27.82 13.94 1.04
C TRP B 332 -27.83 12.55 1.71
N ARG B 333 -27.47 11.53 0.95
CA ARG B 333 -27.44 10.14 1.46
C ARG B 333 -26.51 9.95 2.67
N ASP B 334 -25.32 10.53 2.60
CA ASP B 334 -24.38 10.45 3.72
C ASP B 334 -24.90 11.15 4.97
N LEU B 335 -25.50 12.33 4.80
CA LEU B 335 -26.03 13.05 5.95
C LEU B 335 -27.13 12.27 6.65
N ILE B 336 -28.08 11.74 5.90
CA ILE B 336 -29.18 10.99 6.47
C ILE B 336 -28.66 9.65 7.01
N ALA B 337 -27.66 9.08 6.35
CA ALA B 337 -27.03 7.88 6.87
C ALA B 337 -26.43 8.15 8.26
N ARG B 338 -25.71 9.27 8.42
CA ARG B 338 -25.15 9.66 9.72
C ARG B 338 -26.25 9.95 10.75
N ARG B 339 -27.29 10.64 10.30
CA ARG B 339 -28.40 11.03 11.17
C ARG B 339 -29.11 9.85 11.81
N ASP B 340 -29.42 8.86 11.00
CA ASP B 340 -30.20 7.72 11.44
C ASP B 340 -29.31 6.54 11.81
N ASP B 341 -28.01 6.76 11.67
CA ASP B 341 -26.99 5.76 11.94
C ASP B 341 -27.22 4.48 11.13
N GLU B 342 -27.23 4.62 9.81
CA GLU B 342 -27.42 3.49 8.91
C GLU B 342 -26.27 3.53 7.94
N SER B 343 -26.03 2.42 7.23
CA SER B 343 -25.06 2.48 6.16
C SER B 343 -25.70 3.28 5.04
N PRO B 344 -24.86 3.93 4.22
CA PRO B 344 -25.39 4.61 3.02
C PRO B 344 -26.17 3.66 2.13
N ARG B 345 -25.75 2.40 2.05
CA ARG B 345 -26.41 1.47 1.17
C ARG B 345 -27.76 1.00 1.71
N PHE B 346 -27.93 0.99 3.02
CA PHE B 346 -29.25 0.77 3.56
C PHE B 346 -30.17 1.94 3.21
N VAL B 347 -29.62 3.15 3.25
CA VAL B 347 -30.38 4.34 2.91
C VAL B 347 -30.79 4.37 1.44
N MET B 348 -29.81 4.16 0.56
CA MET B 348 -30.05 4.21 -0.88
C MET B 348 -28.88 3.56 -1.62
N PRO B 349 -29.05 2.30 -2.06
CA PRO B 349 -27.97 1.59 -2.76
C PRO B 349 -27.48 2.35 -3.99
N ASN B 350 -26.25 2.08 -4.44
CA ASN B 350 -25.71 2.79 -5.59
C ASN B 350 -26.67 2.68 -6.77
N GLN B 351 -27.28 1.51 -6.93
CA GLN B 351 -28.15 1.26 -8.06
C GLN B 351 -29.37 2.16 -8.07
N LEU B 352 -29.98 2.36 -6.91
CA LEU B 352 -31.12 3.24 -6.78
C LEU B 352 -30.76 4.71 -7.04
N LEU B 353 -29.59 5.15 -6.57
CA LEU B 353 -29.13 6.51 -6.83
C LEU B 353 -28.97 6.70 -8.32
N ALA B 354 -28.32 5.73 -8.98
CA ALA B 354 -28.12 5.79 -10.43
C ALA B 354 -29.45 5.80 -11.18
N ALA B 355 -30.44 5.09 -10.63
CA ALA B 355 -31.77 5.02 -11.22
C ALA B 355 -32.49 6.36 -11.17
N LEU B 356 -32.36 7.07 -10.06
CA LEU B 356 -32.99 8.36 -9.92
C LEU B 356 -32.41 9.34 -10.93
N VAL B 357 -31.09 9.24 -11.11
CA VAL B 357 -30.36 10.09 -12.03
C VAL B 357 -30.68 9.77 -13.47
N ALA B 358 -30.87 8.48 -13.76
CA ALA B 358 -31.14 8.00 -15.10
C ALA B 358 -32.57 8.34 -15.53
N TYR B 359 -33.51 8.27 -14.61
CA TYR B 359 -34.92 8.49 -14.97
C TYR B 359 -35.46 9.85 -14.55
N THR B 360 -34.73 10.54 -13.68
CA THR B 360 -35.10 11.88 -13.18
C THR B 360 -36.60 12.11 -12.89
N PRO B 361 -37.18 11.34 -11.95
CA PRO B 361 -38.57 11.52 -11.51
C PRO B 361 -38.78 12.82 -10.76
N THR B 362 -39.89 13.48 -11.01
CA THR B 362 -40.09 14.82 -10.46
C THR B 362 -41.30 14.90 -9.49
N ASP B 363 -41.91 13.75 -9.20
CA ASP B 363 -43.00 13.69 -8.21
C ASP B 363 -42.87 12.43 -7.35
N VAL B 364 -43.65 12.36 -6.28
CA VAL B 364 -43.62 11.23 -5.36
C VAL B 364 -43.95 9.93 -6.11
N ILE B 365 -44.95 9.98 -6.97
CA ILE B 365 -45.33 8.79 -7.74
C ILE B 365 -44.15 8.24 -8.52
N GLY B 366 -43.43 9.15 -9.17
CA GLY B 366 -42.27 8.78 -9.96
C GLY B 366 -41.15 8.23 -9.12
N VAL B 367 -40.96 8.81 -7.94
CA VAL B 367 -39.90 8.36 -7.04
C VAL B 367 -40.17 6.99 -6.45
N VAL B 368 -41.34 6.83 -5.84
CA VAL B 368 -41.60 5.59 -5.12
C VAL B 368 -41.75 4.41 -6.06
N SER B 369 -42.25 4.67 -7.26
CA SER B 369 -42.67 3.61 -8.16
C SER B 369 -41.63 3.04 -9.08
N LEU B 370 -40.35 3.20 -8.77
CA LEU B 370 -39.34 2.58 -9.61
C LEU B 370 -39.54 1.05 -9.57
N THR B 371 -39.37 0.39 -10.72
CA THR B 371 -39.84 -1.00 -10.94
C THR B 371 -39.31 -2.09 -10.00
N ASN B 372 -38.01 -2.05 -9.72
CA ASN B 372 -37.39 -2.96 -8.77
C ASN B 372 -37.97 -2.68 -7.38
N GLY B 373 -38.35 -1.42 -7.18
CA GLY B 373 -38.78 -0.94 -5.89
C GLY B 373 -37.69 -0.15 -5.19
N VAL B 374 -38.02 0.39 -4.03
CA VAL B 374 -37.15 1.34 -3.34
C VAL B 374 -37.06 1.08 -1.85
N THR B 375 -36.12 1.75 -1.21
CA THR B 375 -35.92 1.66 0.23
C THR B 375 -36.91 2.48 1.05
N GLU B 376 -36.97 2.19 2.34
CA GLU B 376 -37.83 2.96 3.23
C GLU B 376 -37.40 4.43 3.25
N HIS B 377 -36.09 4.68 3.25
CA HIS B 377 -35.61 6.07 3.28
C HIS B 377 -35.98 6.84 2.04
N VAL B 378 -35.91 6.20 0.87
CA VAL B 378 -36.35 6.87 -0.35
C VAL B 378 -37.89 7.10 -0.27
N ARG B 379 -38.63 6.14 0.27
CA ARG B 379 -40.06 6.29 0.55
C ARG B 379 -40.37 7.42 1.53
N GLN B 380 -39.63 7.48 2.63
CA GLN B 380 -39.84 8.52 3.63
C GLN B 380 -39.55 9.93 3.12
N ASN B 381 -38.57 10.05 2.22
CA ASN B 381 -38.12 11.35 1.76
C ASN B 381 -38.40 11.57 0.29
N ALA B 382 -39.41 10.89 -0.22
CA ALA B 382 -39.70 10.91 -1.65
C ALA B 382 -39.91 12.33 -2.16
N LYS B 383 -40.60 13.17 -1.39
CA LYS B 383 -40.85 14.54 -1.83
C LYS B 383 -39.58 15.37 -1.80
N LEU B 384 -38.78 15.18 -0.77
CA LEU B 384 -37.48 15.85 -0.70
C LEU B 384 -36.69 15.51 -1.94
N LEU B 385 -36.67 14.23 -2.29
CA LEU B 385 -35.91 13.78 -3.44
C LEU B 385 -36.45 14.34 -4.75
N ALA B 386 -37.76 14.37 -4.88
CA ALA B 386 -38.38 14.85 -6.12
C ALA B 386 -38.09 16.33 -6.28
N ASN B 387 -38.10 17.05 -5.18
CA ASN B 387 -37.75 18.47 -5.18
C ASN B 387 -36.30 18.63 -5.58
N LEU B 388 -35.44 17.81 -4.99
CA LEU B 388 -34.03 17.82 -5.32
C LEU B 388 -33.82 17.55 -6.80
N ILE B 389 -34.52 16.56 -7.35
CA ILE B 389 -34.40 16.25 -8.75
C ILE B 389 -34.95 17.38 -9.61
N ARG B 390 -36.07 17.96 -9.22
CA ARG B 390 -36.63 19.06 -9.98
C ARG B 390 -35.63 20.21 -10.04
N ASP B 391 -34.96 20.46 -8.91
CA ASP B 391 -33.95 21.50 -8.77
C ASP B 391 -32.76 21.31 -9.70
N ALA B 392 -32.24 20.09 -9.71
CA ALA B 392 -31.11 19.73 -10.52
C ALA B 392 -31.41 19.91 -12.00
N LEU B 393 -32.61 19.51 -12.39
CA LEU B 393 -33.07 19.64 -13.77
C LEU B 393 -33.19 21.08 -14.20
N ARG B 394 -33.69 21.90 -13.29
CA ARG B 394 -33.91 23.29 -13.59
C ARG B 394 -32.57 23.93 -13.83
N ASN B 395 -31.61 23.59 -12.98
CA ASN B 395 -30.30 24.20 -13.10
C ASN B 395 -29.52 23.80 -14.35
N ILE B 396 -29.62 22.54 -14.77
CA ILE B 396 -28.90 22.12 -15.97
C ILE B 396 -29.54 22.71 -17.23
N LYS B 397 -30.86 22.87 -17.23
CA LYS B 397 -31.54 23.33 -18.44
C LYS B 397 -31.26 24.78 -18.78
N ASN B 398 -31.57 25.65 -17.83
CA ASN B 398 -31.40 27.08 -18.02
C ASN B 398 -29.93 27.44 -18.32
N THR B 399 -29.01 26.84 -17.57
CA THR B 399 -27.60 27.12 -17.76
C THR B 399 -27.02 26.13 -18.74
#